data_4U6G
#
_entry.id   4U6G
#
_cell.length_a   68.562
_cell.length_b   126.317
_cell.length_c   129.875
_cell.angle_alpha   90.00
_cell.angle_beta   90.00
_cell.angle_gamma   90.00
#
_symmetry.space_group_name_H-M   'P 21 21 21'
#
loop_
_entity.id
_entity.type
_entity.pdbx_description
1 polymer '10E8 Fab Heavy Chain'
2 polymer '10E8 Fab Light Chain'
3 polymer SAH-MPER(662-683KKK)(B,q)
#
loop_
_entity_poly.entity_id
_entity_poly.type
_entity_poly.pdbx_seq_one_letter_code
_entity_poly.pdbx_strand_id
1 'polypeptide(L)'
;EVQLVESGGGLVKPGGSLRLSCSASGFDFDNAWMTWVRQPPGKGLEWVGRITGPGEGWSVDYAAPVEGRFTISRLNSINF
LYLEMNNLRMEDSGLYFCARTGKYYDFWSGYPPGEEYFQDWGRGTLVTVSSASTKGPSVFPLAPSSKSTSGGTAALGCLV
KDYFPEPVTVSWNSGALTSGVHTFPAVLQSSGLYSLSSVVTVPSSSLGTQTYICNVNHKPSNTKVDKRVEPKSCDK
;
H,A
2 'polypeptide(L)'
;SYELTQETGVSVALGRTVTITCRGDSLRSHYASWYQKKPGQAPILLFYGKNNRPSGVPDRFSGSASGNRASLTISGAQAE
DDAEYYCSSRDKSGSRLSVFGGGTKLTVLSQPKAAPSVTLFPPSSEELQANKATLVCLISDFYPGAVTVAWKADSSPVKA
GVETTTPSKQSNNKYAASSYLSLTPEQWKSHRSYSCQVTHEGSTVEKTVAPTECS
;
L,B
3 'polypeptide(L)' SLWNWFNITN(DIV)LW(MK8)IKK P,C
#
# COMPACT_ATOMS: atom_id res chain seq x y z
N GLU A 1 -0.49 -0.22 -12.04
CA GLU A 1 0.14 -1.00 -13.14
C GLU A 1 1.61 -1.27 -12.84
N VAL A 2 2.28 -0.28 -12.28
CA VAL A 2 3.69 -0.40 -11.92
C VAL A 2 3.86 -1.29 -10.70
N GLN A 3 4.78 -2.25 -10.79
CA GLN A 3 5.01 -3.21 -9.72
C GLN A 3 6.50 -3.29 -9.37
N LEU A 4 6.80 -3.25 -8.07
CA LEU A 4 8.18 -3.36 -7.58
C LEU A 4 8.27 -4.31 -6.39
N VAL A 5 9.13 -5.32 -6.52
CA VAL A 5 9.30 -6.34 -5.48
C VAL A 5 10.77 -6.58 -5.18
N GLU A 6 11.18 -6.27 -3.94
CA GLU A 6 12.55 -6.51 -3.50
C GLU A 6 12.69 -7.88 -2.86
N SER A 7 13.92 -8.40 -2.83
CA SER A 7 14.19 -9.70 -2.21
C SER A 7 15.69 -9.93 -2.02
N GLY A 8 16.03 -10.89 -1.16
CA GLY A 8 17.41 -11.26 -0.91
C GLY A 8 17.95 -10.78 0.43
N GLY A 9 17.10 -10.14 1.22
CA GLY A 9 17.50 -9.60 2.50
C GLY A 9 17.45 -10.64 3.61
N GLY A 10 18.12 -10.34 4.72
CA GLY A 10 18.16 -11.24 5.86
C GLY A 10 19.22 -10.86 6.88
N LEU A 11 19.67 -11.83 7.66
CA LEU A 11 20.69 -11.61 8.66
C LEU A 11 22.07 -11.93 8.08
N VAL A 12 23.09 -11.18 8.51
CA VAL A 12 24.44 -11.37 7.99
C VAL A 12 25.49 -10.81 8.96
N LYS A 13 26.62 -11.49 9.06
CA LYS A 13 27.71 -11.09 9.94
C LYS A 13 28.41 -9.82 9.42
N PRO A 14 29.01 -9.04 10.33
CA PRO A 14 29.77 -7.85 9.90
C PRO A 14 30.93 -8.20 8.97
N GLY A 15 31.10 -7.40 7.92
CA GLY A 15 32.15 -7.63 6.94
C GLY A 15 31.71 -8.57 5.85
N GLY A 16 30.56 -9.21 6.05
CA GLY A 16 30.02 -10.13 5.08
C GLY A 16 29.46 -9.42 3.86
N SER A 17 28.83 -10.18 2.97
CA SER A 17 28.28 -9.62 1.74
C SER A 17 26.86 -10.13 1.50
N LEU A 18 26.14 -9.45 0.62
CA LEU A 18 24.76 -9.80 0.30
C LEU A 18 24.33 -9.06 -0.95
N ARG A 19 23.50 -9.71 -1.76
CA ARG A 19 23.04 -9.15 -3.02
C ARG A 19 21.52 -9.09 -3.05
N LEU A 20 21.00 -7.86 -3.06
CA LEU A 20 19.56 -7.65 -3.10
C LEU A 20 19.07 -7.58 -4.53
N SER A 21 17.90 -8.16 -4.79
CA SER A 21 17.31 -8.17 -6.11
C SER A 21 16.01 -7.37 -6.10
N CYS A 22 15.62 -6.86 -7.27
CA CYS A 22 14.38 -6.09 -7.38
C CYS A 22 13.78 -6.23 -8.78
N SER A 23 12.60 -6.84 -8.85
CA SER A 23 11.92 -7.05 -10.12
C SER A 23 10.96 -5.90 -10.42
N ALA A 24 10.83 -5.56 -11.70
CA ALA A 24 9.98 -4.46 -12.12
C ALA A 24 9.11 -4.85 -13.31
N SER A 25 7.92 -4.29 -13.38
CA SER A 25 6.98 -4.57 -14.46
C SER A 25 5.87 -3.53 -14.50
N GLY A 26 5.29 -3.33 -15.69
CA GLY A 26 4.20 -2.39 -15.86
C GLY A 26 4.64 -1.06 -16.43
N PHE A 27 5.90 -0.99 -16.85
CA PHE A 27 6.45 0.22 -17.46
C PHE A 27 7.70 -0.09 -18.26
N ASP A 28 8.22 0.92 -18.96
CA ASP A 28 9.43 0.77 -19.74
C ASP A 28 10.66 0.74 -18.82
N PHE A 29 11.07 -0.46 -18.45
CA PHE A 29 12.19 -0.63 -17.52
C PHE A 29 13.53 -0.32 -18.19
N ASP A 30 13.59 -0.48 -19.50
CA ASP A 30 14.85 -0.36 -20.23
C ASP A 30 15.40 1.07 -20.23
N ASN A 31 14.51 2.06 -20.20
CA ASN A 31 14.92 3.46 -20.25
C ASN A 31 14.70 4.22 -18.95
N ALA A 32 14.13 3.53 -17.96
CA ALA A 32 13.79 4.17 -16.68
C ALA A 32 14.97 4.18 -15.72
N TRP A 33 15.15 5.30 -15.02
CA TRP A 33 16.19 5.41 -14.00
C TRP A 33 15.75 4.73 -12.71
N MET A 34 16.68 4.06 -12.04
CA MET A 34 16.41 3.34 -10.80
C MET A 34 17.31 3.80 -9.66
N THR A 35 16.75 3.78 -8.44
CA THR A 35 17.45 4.26 -7.25
C THR A 35 17.16 3.37 -6.05
N TRP A 36 18.21 3.05 -5.30
CA TRP A 36 18.05 2.32 -4.05
C TRP A 36 18.03 3.31 -2.89
N VAL A 37 17.07 3.12 -1.98
CA VAL A 37 16.92 3.99 -0.81
C VAL A 37 16.66 3.15 0.43
N ARG A 38 17.40 3.45 1.50
CA ARG A 38 17.32 2.70 2.74
C ARG A 38 16.80 3.53 3.91
N GLN A 39 16.23 2.85 4.90
CA GLN A 39 15.76 3.49 6.12
C GLN A 39 16.32 2.75 7.33
N PRO A 40 17.33 3.33 8.00
CA PRO A 40 17.81 2.70 9.23
C PRO A 40 16.72 2.63 10.29
N PRO A 41 16.78 1.63 11.18
CA PRO A 41 15.74 1.48 12.21
C PRO A 41 15.64 2.68 13.14
N GLY A 42 14.43 3.21 13.30
CA GLY A 42 14.20 4.35 14.16
C GLY A 42 14.64 5.67 13.53
N LYS A 43 15.04 5.62 12.27
CA LYS A 43 15.49 6.81 11.55
C LYS A 43 14.72 6.99 10.24
N GLY A 44 15.08 8.03 9.49
CA GLY A 44 14.41 8.36 8.26
C GLY A 44 15.11 7.79 7.04
N LEU A 45 14.65 8.19 5.86
CA LEU A 45 15.20 7.67 4.61
C LEU A 45 16.62 8.16 4.35
N GLU A 46 17.35 7.44 3.51
CA GLU A 46 18.73 7.77 3.19
C GLU A 46 19.09 7.33 1.77
N TRP A 47 19.45 8.28 0.92
CA TRP A 47 19.80 8.01 -0.47
C TRP A 47 21.07 7.18 -0.58
N VAL A 48 20.98 6.04 -1.26
CA VAL A 48 22.11 5.14 -1.42
C VAL A 48 22.84 5.41 -2.74
N GLY A 49 22.17 5.15 -3.85
CA GLY A 49 22.75 5.34 -5.17
C GLY A 49 21.73 5.24 -6.28
N ARG A 50 22.11 5.72 -7.46
CA ARG A 50 21.21 5.73 -8.61
C ARG A 50 21.91 5.16 -9.84
N ILE A 51 21.19 4.34 -10.59
CA ILE A 51 21.66 3.85 -11.89
C ILE A 51 20.85 4.51 -13.00
N THR A 52 21.54 5.00 -14.03
CA THR A 52 20.91 5.75 -15.10
C THR A 52 20.37 4.82 -16.19
N GLY A 53 19.91 5.43 -17.29
CA GLY A 53 19.36 4.69 -18.40
C GLY A 53 20.40 4.48 -19.49
N PRO A 54 19.95 4.09 -20.69
CA PRO A 54 20.89 3.82 -21.81
C PRO A 54 21.57 5.08 -22.31
N GLY A 55 20.85 6.20 -22.28
CA GLY A 55 21.37 7.45 -22.81
C GLY A 55 22.57 7.97 -22.06
N GLU A 56 22.72 7.55 -20.80
CA GLU A 56 23.83 8.02 -19.96
C GLU A 56 24.89 6.93 -19.79
N GLY A 57 24.76 5.85 -20.56
CA GLY A 57 25.72 4.76 -20.50
C GLY A 57 25.62 3.96 -19.21
N TRP A 58 24.43 3.97 -18.61
CA TRP A 58 24.18 3.21 -17.39
C TRP A 58 25.10 3.65 -16.25
N SER A 59 25.49 4.92 -16.25
CA SER A 59 26.36 5.46 -15.21
C SER A 59 25.71 5.33 -13.83
N VAL A 60 26.54 5.10 -12.82
CA VAL A 60 26.06 4.90 -11.45
C VAL A 60 26.76 5.82 -10.45
N ASP A 61 25.97 6.51 -9.65
CA ASP A 61 26.48 7.37 -8.58
C ASP A 61 26.08 6.82 -7.22
N TYR A 62 27.06 6.70 -6.32
CA TYR A 62 26.81 6.17 -4.97
C TYR A 62 26.86 7.29 -3.94
N ALA A 63 26.52 6.97 -2.70
CA ALA A 63 26.64 7.90 -1.59
C ALA A 63 28.08 7.90 -1.08
N ALA A 64 28.41 8.84 -0.21
CA ALA A 64 29.77 8.94 0.30
C ALA A 64 30.14 7.77 1.21
N PRO A 65 29.28 7.45 2.19
CA PRO A 65 29.64 6.34 3.09
C PRO A 65 29.44 4.97 2.46
N VAL A 66 28.93 4.95 1.23
CA VAL A 66 28.55 3.72 0.55
C VAL A 66 29.58 3.34 -0.50
N GLU A 67 30.01 4.33 -1.26
CA GLU A 67 30.91 4.13 -2.40
C GLU A 67 32.16 3.36 -2.00
N GLY A 68 32.65 2.54 -2.92
CA GLY A 68 33.84 1.74 -2.67
C GLY A 68 33.53 0.39 -2.03
N ARG A 69 32.25 0.16 -1.72
CA ARG A 69 31.84 -1.08 -1.07
C ARG A 69 30.62 -1.71 -1.74
N PHE A 70 29.65 -0.89 -2.17
CA PHE A 70 28.46 -1.39 -2.84
C PHE A 70 28.59 -1.32 -4.35
N THR A 71 27.72 -2.06 -5.04
CA THR A 71 27.71 -2.08 -6.50
C THR A 71 26.30 -2.32 -7.03
N ILE A 72 25.82 -1.40 -7.87
CA ILE A 72 24.49 -1.50 -8.46
C ILE A 72 24.58 -1.98 -9.91
N SER A 73 23.70 -2.91 -10.27
CA SER A 73 23.62 -3.41 -11.64
C SER A 73 22.18 -3.72 -12.01
N ARG A 74 21.93 -3.93 -13.30
CA ARG A 74 20.57 -4.18 -13.79
C ARG A 74 20.56 -5.13 -14.98
N LEU A 75 19.48 -5.88 -15.11
CA LEU A 75 19.28 -6.77 -16.25
C LEU A 75 17.95 -6.46 -16.94
N ASN A 76 18.03 -5.65 -17.98
CA ASN A 76 16.85 -5.21 -18.72
C ASN A 76 16.11 -6.37 -19.40
N SER A 77 16.83 -7.45 -19.64
CA SER A 77 16.25 -8.61 -20.32
C SER A 77 15.22 -9.31 -19.45
N ILE A 78 15.50 -9.35 -18.14
CA ILE A 78 14.63 -10.01 -17.17
C ILE A 78 13.98 -8.98 -16.24
N ASN A 79 14.28 -7.71 -16.46
CA ASN A 79 13.80 -6.64 -15.60
C ASN A 79 14.10 -6.92 -14.14
N PHE A 80 15.37 -6.79 -13.78
CA PHE A 80 15.82 -6.98 -12.41
C PHE A 80 16.91 -6.00 -12.05
N LEU A 81 16.73 -5.34 -10.91
CA LEU A 81 17.71 -4.41 -10.37
C LEU A 81 18.44 -5.09 -9.22
N TYR A 82 19.77 -4.96 -9.20
CA TYR A 82 20.59 -5.64 -8.21
C TYR A 82 21.46 -4.66 -7.43
N LEU A 83 21.62 -4.95 -6.14
CA LEU A 83 22.48 -4.16 -5.27
C LEU A 83 23.45 -5.07 -4.54
N GLU A 84 24.66 -5.17 -5.07
CA GLU A 84 25.70 -5.98 -4.45
C GLU A 84 26.34 -5.19 -3.32
N MET A 85 26.49 -5.84 -2.16
CA MET A 85 27.03 -5.20 -0.98
C MET A 85 28.21 -5.99 -0.44
N ASN A 86 29.35 -5.32 -0.27
CA ASN A 86 30.57 -5.95 0.22
C ASN A 86 31.09 -5.25 1.47
N ASN A 87 31.69 -6.03 2.37
CA ASN A 87 32.18 -5.50 3.64
C ASN A 87 31.06 -4.80 4.40
N LEU A 88 29.97 -5.54 4.64
CA LEU A 88 28.80 -4.98 5.29
C LEU A 88 29.10 -4.55 6.72
N ARG A 89 28.64 -3.36 7.08
CA ARG A 89 28.80 -2.85 8.44
C ARG A 89 27.44 -2.87 9.13
N MET A 90 27.45 -2.70 10.45
CA MET A 90 26.21 -2.76 11.22
C MET A 90 25.33 -1.55 10.93
N GLU A 91 25.94 -0.46 10.48
CA GLU A 91 25.22 0.77 10.21
C GLU A 91 24.41 0.66 8.92
N ASP A 92 24.68 -0.39 8.14
CA ASP A 92 24.03 -0.57 6.85
C ASP A 92 22.62 -1.13 7.01
N SER A 93 22.20 -1.40 8.24
CA SER A 93 20.86 -1.91 8.49
C SER A 93 19.85 -0.76 8.36
N GLY A 94 18.55 -1.07 8.26
CA GLY A 94 18.03 -2.42 8.14
C GLY A 94 17.18 -2.67 6.91
N LEU A 95 16.51 -1.64 6.40
CA LEU A 95 15.53 -1.82 5.33
C LEU A 95 15.93 -1.09 4.06
N TYR A 96 15.78 -1.77 2.92
CA TYR A 96 16.20 -1.24 1.62
C TYR A 96 15.07 -1.25 0.59
N PHE A 97 14.85 -0.10 -0.04
CA PHE A 97 13.83 0.07 -1.06
C PHE A 97 14.45 0.31 -2.44
N CYS A 98 13.71 -0.05 -3.49
CA CYS A 98 14.06 0.33 -4.85
C CYS A 98 12.91 1.17 -5.43
N ALA A 99 13.25 2.24 -6.13
CA ALA A 99 12.26 3.20 -6.59
C ALA A 99 12.51 3.67 -8.02
N ARG A 100 11.43 3.92 -8.76
CA ARG A 100 11.51 4.42 -10.13
C ARG A 100 11.77 5.92 -10.13
N THR A 101 12.99 6.32 -10.48
CA THR A 101 13.40 7.71 -10.44
C THR A 101 12.94 8.49 -11.66
N GLY A 102 12.29 9.62 -11.43
CA GLY A 102 11.91 10.54 -12.49
C GLY A 102 12.93 11.65 -12.63
N LYS A 103 12.83 12.40 -13.73
CA LYS A 103 13.77 13.48 -14.02
C LYS A 103 13.03 14.79 -14.28
N TYR A 104 13.43 15.84 -13.57
CA TYR A 104 12.80 17.15 -13.68
C TYR A 104 13.83 18.25 -13.86
N TYR A 105 13.52 19.22 -14.69
CA TYR A 105 14.39 20.37 -14.90
C TYR A 105 13.62 21.51 -15.57
N ASP A 106 13.31 22.55 -14.81
CA ASP A 106 12.66 23.73 -15.36
C ASP A 106 13.67 24.55 -16.16
N PHE A 107 13.27 24.96 -17.36
CA PHE A 107 14.18 25.65 -18.27
C PHE A 107 14.54 27.04 -17.77
N TRP A 108 13.57 27.74 -17.20
CA TRP A 108 13.75 29.15 -16.85
C TRP A 108 14.31 29.35 -15.44
N SER A 109 14.14 28.36 -14.56
CA SER A 109 14.56 28.49 -13.17
C SER A 109 15.43 27.33 -12.69
N GLY A 110 15.37 26.20 -13.40
CA GLY A 110 16.14 25.04 -13.01
C GLY A 110 17.63 25.22 -13.17
N TYR A 111 18.39 24.43 -12.42
CA TYR A 111 19.85 24.46 -12.46
C TYR A 111 20.38 23.04 -12.69
N PRO A 112 21.31 22.87 -13.65
CA PRO A 112 21.78 21.52 -13.98
C PRO A 112 22.48 20.84 -12.80
N PRO A 113 22.39 19.49 -12.72
CA PRO A 113 21.68 18.60 -13.64
C PRO A 113 20.19 18.48 -13.31
N GLY A 114 19.64 19.51 -12.68
CA GLY A 114 18.24 19.51 -12.29
C GLY A 114 18.04 18.75 -11.00
N GLU A 115 16.87 18.14 -10.85
CA GLU A 115 16.55 17.35 -9.66
C GLU A 115 16.01 15.99 -10.04
N GLU A 116 16.08 15.05 -9.10
CA GLU A 116 15.55 13.71 -9.29
C GLU A 116 14.47 13.40 -8.27
N TYR A 117 13.30 13.00 -8.76
CA TYR A 117 12.18 12.62 -7.91
C TYR A 117 11.84 11.16 -8.14
N PHE A 118 11.14 10.56 -7.17
CA PHE A 118 10.85 9.13 -7.20
C PHE A 118 9.35 8.88 -7.23
N GLN A 119 8.87 8.33 -8.35
CA GLN A 119 7.44 8.20 -8.57
C GLN A 119 6.83 6.99 -7.87
N ASP A 120 7.44 5.82 -8.05
CA ASP A 120 6.93 4.58 -7.49
C ASP A 120 7.94 3.93 -6.54
N TRP A 121 7.41 3.18 -5.57
CA TRP A 121 8.23 2.49 -4.56
C TRP A 121 7.80 1.04 -4.38
N GLY A 122 8.62 0.28 -3.68
CA GLY A 122 8.34 -1.11 -3.36
C GLY A 122 8.19 -1.33 -1.87
N ARG A 123 7.89 -2.56 -1.47
CA ARG A 123 7.75 -2.89 -0.06
C ARG A 123 9.09 -2.92 0.65
N GLY A 124 10.15 -3.23 -0.10
CA GLY A 124 11.49 -3.25 0.46
C GLY A 124 11.79 -4.55 1.18
N THR A 125 13.07 -4.88 1.28
CA THR A 125 13.52 -6.10 1.95
C THR A 125 14.45 -5.76 3.11
N LEU A 126 14.35 -6.51 4.19
CA LEU A 126 15.08 -6.20 5.42
C LEU A 126 16.46 -6.87 5.44
N VAL A 127 17.48 -6.05 5.74
CA VAL A 127 18.86 -6.50 5.82
C VAL A 127 19.43 -6.22 7.21
N THR A 128 19.48 -7.24 8.06
CA THR A 128 19.99 -7.08 9.41
C THR A 128 21.46 -7.46 9.48
N VAL A 129 22.27 -6.57 10.05
CA VAL A 129 23.71 -6.81 10.20
C VAL A 129 24.09 -6.81 11.68
N SER A 130 24.43 -7.99 12.20
CA SER A 130 24.84 -8.12 13.60
C SER A 130 25.82 -9.27 13.77
N SER A 131 26.62 -9.21 14.84
CA SER A 131 27.60 -10.24 15.15
C SER A 131 27.11 -11.19 16.25
N ALA A 132 25.89 -10.95 16.73
CA ALA A 132 25.35 -11.73 17.84
C ALA A 132 24.85 -13.09 17.35
N SER A 133 25.03 -14.11 18.19
CA SER A 133 24.54 -15.44 17.89
C SER A 133 23.16 -15.66 18.51
N THR A 134 22.51 -16.76 18.15
CA THR A 134 21.20 -17.08 18.69
C THR A 134 21.26 -17.29 20.19
N LYS A 135 20.25 -16.80 20.90
CA LYS A 135 20.16 -16.98 22.34
C LYS A 135 18.71 -17.10 22.78
N GLY A 136 18.47 -17.91 23.82
CA GLY A 136 17.14 -18.09 24.37
C GLY A 136 16.78 -16.95 25.31
N PRO A 137 15.47 -16.67 25.45
CA PRO A 137 15.05 -15.57 26.33
C PRO A 137 15.08 -15.94 27.82
N SER A 138 15.60 -15.03 28.64
CA SER A 138 15.55 -15.18 30.09
C SER A 138 14.31 -14.48 30.62
N VAL A 139 13.34 -15.28 31.08
CA VAL A 139 12.06 -14.76 31.54
C VAL A 139 12.09 -14.44 33.02
N PHE A 140 11.61 -13.24 33.36
CA PHE A 140 11.47 -12.83 34.76
C PHE A 140 10.07 -12.27 35.00
N PRO A 141 9.46 -12.61 36.15
CA PRO A 141 8.09 -12.16 36.43
C PRO A 141 8.04 -10.74 36.98
N LEU A 142 7.05 -9.96 36.54
CA LEU A 142 6.79 -8.64 37.07
C LEU A 142 5.67 -8.70 38.10
N ALA A 143 6.02 -9.15 39.30
CA ALA A 143 5.03 -9.42 40.34
C ALA A 143 4.29 -8.15 40.77
N PRO A 144 2.96 -8.23 40.93
CA PRO A 144 2.18 -7.06 41.35
C PRO A 144 2.35 -6.75 42.84
N SER A 145 2.16 -5.49 43.21
CA SER A 145 2.30 -5.09 44.61
C SER A 145 1.67 -3.73 44.86
N SER A 146 1.89 -3.18 46.05
CA SER A 146 1.37 -1.87 46.41
C SER A 146 2.00 -0.78 45.53
N LYS A 147 3.20 -1.04 45.05
CA LYS A 147 3.90 -0.12 44.17
C LYS A 147 3.36 -0.20 42.74
N SER A 148 2.56 -1.22 42.48
CA SER A 148 2.05 -1.48 41.14
C SER A 148 0.56 -1.85 41.14
N THR A 149 -0.22 -1.14 41.96
CA THR A 149 -1.66 -1.36 42.03
C THR A 149 -2.39 -0.03 41.94
N SER A 150 -3.64 -0.07 41.48
CA SER A 150 -4.44 1.15 41.34
C SER A 150 -5.93 0.83 41.31
N GLY A 151 -6.57 0.98 42.46
CA GLY A 151 -7.99 0.70 42.58
C GLY A 151 -8.28 -0.78 42.47
N GLY A 152 -9.48 -1.11 42.00
CA GLY A 152 -9.91 -2.50 41.91
C GLY A 152 -9.05 -3.32 40.96
N THR A 153 -8.36 -2.64 40.05
CA THR A 153 -7.52 -3.31 39.05
C THR A 153 -6.04 -3.22 39.42
N ALA A 154 -5.30 -4.29 39.11
CA ALA A 154 -3.86 -4.36 39.39
C ALA A 154 -3.11 -4.75 38.12
N ALA A 155 -1.81 -4.46 38.10
CA ALA A 155 -0.97 -4.70 36.92
C ALA A 155 0.15 -5.68 37.22
N LEU A 156 0.26 -6.71 36.38
CA LEU A 156 1.33 -7.69 36.48
C LEU A 156 1.74 -8.15 35.09
N GLY A 157 2.97 -8.65 34.96
CA GLY A 157 3.47 -9.06 33.66
C GLY A 157 4.76 -9.86 33.71
N CYS A 158 5.37 -10.05 32.55
CA CYS A 158 6.64 -10.76 32.42
C CYS A 158 7.70 -9.87 31.79
N LEU A 159 8.97 -10.20 32.04
CA LEU A 159 10.10 -9.47 31.45
C LEU A 159 10.96 -10.40 30.62
N VAL A 160 10.67 -10.48 29.32
CA VAL A 160 11.47 -11.29 28.41
C VAL A 160 12.78 -10.56 28.10
N LYS A 161 13.87 -11.05 28.67
CA LYS A 161 15.17 -10.37 28.58
C LYS A 161 16.22 -11.22 27.87
N ASP A 162 17.07 -10.54 27.10
CA ASP A 162 18.22 -11.16 26.44
C ASP A 162 17.84 -12.35 25.56
N TYR A 163 17.32 -12.05 24.38
CA TYR A 163 17.05 -13.07 23.37
C TYR A 163 17.49 -12.55 22.02
N PHE A 164 17.78 -13.46 21.09
CA PHE A 164 18.20 -13.08 19.75
C PHE A 164 18.15 -14.28 18.80
N PRO A 165 17.73 -14.04 17.54
CA PRO A 165 17.15 -12.81 16.99
C PRO A 165 15.64 -12.75 17.22
N GLU A 166 15.00 -11.72 16.68
CA GLU A 166 13.54 -11.59 16.75
C GLU A 166 12.86 -12.77 16.04
N PRO A 167 11.55 -12.97 16.30
CA PRO A 167 10.69 -12.31 17.26
C PRO A 167 10.30 -13.19 18.44
N VAL A 168 9.62 -12.62 19.43
CA VAL A 168 9.15 -13.37 20.59
C VAL A 168 7.65 -13.13 20.78
N THR A 169 6.87 -14.19 20.67
CA THR A 169 5.42 -14.11 20.84
C THR A 169 5.04 -14.53 22.26
N VAL A 170 4.37 -13.62 22.96
CA VAL A 170 3.96 -13.86 24.34
C VAL A 170 2.44 -13.84 24.48
N SER A 171 1.88 -14.96 24.94
CA SER A 171 0.47 -15.05 25.28
C SER A 171 0.31 -15.32 26.76
N TRP A 172 -0.93 -15.40 27.22
CA TRP A 172 -1.22 -15.61 28.64
C TRP A 172 -2.30 -16.67 28.86
N ASN A 173 -2.06 -17.55 29.83
CA ASN A 173 -2.98 -18.63 30.16
C ASN A 173 -3.38 -19.43 28.93
N SER A 174 -2.38 -19.82 28.15
CA SER A 174 -2.58 -20.61 26.94
C SER A 174 -3.44 -19.88 25.92
N GLY A 175 -3.33 -18.55 25.90
CA GLY A 175 -4.04 -17.73 24.93
C GLY A 175 -5.48 -17.43 25.32
N ALA A 176 -5.93 -18.03 26.41
CA ALA A 176 -7.30 -17.80 26.89
C ALA A 176 -7.46 -16.34 27.31
N LEU A 177 -6.41 -15.78 27.89
CA LEU A 177 -6.42 -14.39 28.35
C LEU A 177 -5.88 -13.47 27.26
N THR A 178 -6.76 -12.65 26.71
CA THR A 178 -6.40 -11.73 25.63
C THR A 178 -6.85 -10.30 25.92
N SER A 179 -7.83 -10.15 26.80
CA SER A 179 -8.35 -8.85 27.15
C SER A 179 -7.45 -8.15 28.17
N GLY A 180 -7.14 -6.89 27.90
CA GLY A 180 -6.30 -6.09 28.78
C GLY A 180 -4.82 -6.40 28.65
N VAL A 181 -4.49 -7.39 27.82
CA VAL A 181 -3.10 -7.77 27.59
C VAL A 181 -2.46 -6.86 26.55
N HIS A 182 -1.26 -6.37 26.85
CA HIS A 182 -0.52 -5.51 25.94
C HIS A 182 0.94 -5.91 25.86
N THR A 183 1.38 -6.32 24.68
CA THR A 183 2.76 -6.71 24.44
C THR A 183 3.54 -5.55 23.84
N PHE A 184 4.46 -4.99 24.63
CA PHE A 184 5.23 -3.83 24.20
C PHE A 184 6.22 -4.21 23.11
N PRO A 185 6.63 -3.22 22.29
CA PRO A 185 7.68 -3.50 21.30
C PRO A 185 9.02 -3.75 21.98
N ALA A 186 9.90 -4.49 21.31
CA ALA A 186 11.20 -4.84 21.89
C ALA A 186 12.22 -3.72 21.75
N VAL A 187 13.11 -3.62 22.72
CA VAL A 187 14.21 -2.65 22.67
C VAL A 187 15.51 -3.40 22.40
N LEU A 188 16.35 -2.81 21.56
CA LEU A 188 17.64 -3.40 21.22
C LEU A 188 18.74 -2.83 22.12
N GLN A 189 19.24 -3.66 23.03
CA GLN A 189 20.28 -3.24 23.96
C GLN A 189 21.61 -3.04 23.24
N SER A 190 22.55 -2.37 23.91
CA SER A 190 23.87 -2.14 23.36
C SER A 190 24.66 -3.43 23.25
N SER A 191 24.22 -4.46 23.98
CA SER A 191 24.89 -5.75 23.96
C SER A 191 24.57 -6.53 22.68
N GLY A 192 23.52 -6.11 21.99
CA GLY A 192 23.09 -6.77 20.76
C GLY A 192 22.01 -7.79 21.01
N LEU A 193 21.38 -7.69 22.18
CA LEU A 193 20.30 -8.60 22.55
C LEU A 193 18.98 -7.84 22.71
N TYR A 194 17.89 -8.49 22.32
CA TYR A 194 16.56 -7.88 22.40
C TYR A 194 15.94 -8.09 23.77
N SER A 195 14.99 -7.23 24.11
CA SER A 195 14.27 -7.31 25.38
C SER A 195 12.93 -6.61 25.28
N LEU A 196 11.88 -7.26 25.77
CA LEU A 196 10.55 -6.66 25.78
C LEU A 196 9.83 -6.97 27.09
N SER A 197 8.58 -6.55 27.18
CA SER A 197 7.76 -6.80 28.36
C SER A 197 6.31 -7.06 27.97
N SER A 198 5.72 -8.07 28.60
CA SER A 198 4.32 -8.40 28.39
C SER A 198 3.53 -8.20 29.68
N VAL A 199 2.66 -7.19 29.69
CA VAL A 199 1.90 -6.84 30.88
C VAL A 199 0.42 -7.14 30.67
N VAL A 200 -0.31 -7.32 31.76
CA VAL A 200 -1.74 -7.54 31.72
C VAL A 200 -2.40 -6.99 32.97
N THR A 201 -3.52 -6.29 32.78
CA THR A 201 -4.26 -5.69 33.89
C THR A 201 -5.40 -6.60 34.31
N VAL A 202 -5.57 -6.78 35.63
CA VAL A 202 -6.59 -7.66 36.16
C VAL A 202 -7.18 -7.12 37.46
N PRO A 203 -8.41 -7.56 37.81
CA PRO A 203 -8.99 -7.20 39.10
C PRO A 203 -8.16 -7.70 40.29
N SER A 204 -8.14 -6.93 41.37
CA SER A 204 -7.38 -7.30 42.55
C SER A 204 -8.05 -8.45 43.29
N SER A 205 -9.34 -8.62 43.06
CA SER A 205 -10.13 -9.64 43.75
C SER A 205 -10.10 -10.98 43.00
N SER A 206 -9.08 -11.16 42.17
CA SER A 206 -8.93 -12.37 41.38
C SER A 206 -7.57 -13.04 41.58
N LEU A 207 -6.77 -12.49 42.48
CA LEU A 207 -5.41 -13.01 42.72
C LEU A 207 -5.42 -14.30 43.51
N GLY A 208 -6.48 -14.52 44.28
CA GLY A 208 -6.60 -15.72 45.10
C GLY A 208 -7.31 -16.85 44.38
N THR A 209 -8.17 -16.48 43.44
CA THR A 209 -8.99 -17.45 42.72
C THR A 209 -8.35 -17.88 41.41
N GLN A 210 -7.79 -16.92 40.68
CA GLN A 210 -7.20 -17.19 39.37
C GLN A 210 -5.68 -17.05 39.38
N THR A 211 -5.02 -17.99 38.70
CA THR A 211 -3.57 -17.98 38.55
C THR A 211 -3.20 -17.44 37.17
N TYR A 212 -2.05 -16.77 37.09
CA TYR A 212 -1.61 -16.13 35.86
C TYR A 212 -0.25 -16.62 35.39
N ILE A 213 -0.22 -17.10 34.14
CA ILE A 213 1.00 -17.65 33.54
C ILE A 213 1.20 -17.08 32.15
N CYS A 214 2.38 -16.52 31.90
CA CYS A 214 2.72 -16.01 30.57
C CYS A 214 3.41 -17.09 29.76
N ASN A 215 3.05 -17.17 28.48
CA ASN A 215 3.60 -18.18 27.58
C ASN A 215 4.51 -17.56 26.52
N VAL A 216 5.81 -17.54 26.80
CA VAL A 216 6.79 -16.96 25.90
C VAL A 216 7.28 -18.01 24.90
N ASN A 217 7.33 -17.64 23.62
CA ASN A 217 7.81 -18.51 22.57
C ASN A 217 8.81 -17.81 21.66
N HIS A 218 9.98 -18.42 21.48
CA HIS A 218 11.04 -17.85 20.67
C HIS A 218 11.60 -18.89 19.69
N LYS A 219 11.00 -18.96 18.51
CA LYS A 219 11.37 -19.97 17.51
C LYS A 219 12.82 -19.91 17.01
N PRO A 220 13.38 -18.70 16.89
CA PRO A 220 14.78 -18.65 16.46
C PRO A 220 15.74 -19.45 17.34
N SER A 221 15.42 -19.57 18.64
CA SER A 221 16.26 -20.33 19.57
C SER A 221 15.57 -21.60 20.06
N ASN A 222 14.38 -21.89 19.53
CA ASN A 222 13.63 -23.09 19.89
C ASN A 222 13.38 -23.19 21.39
N THR A 223 12.81 -22.14 21.97
CA THR A 223 12.58 -22.09 23.42
C THR A 223 11.16 -21.65 23.78
N LYS A 224 10.46 -22.50 24.53
CA LYS A 224 9.17 -22.17 25.11
C LYS A 224 9.26 -22.16 26.63
N VAL A 225 8.83 -21.05 27.24
CA VAL A 225 8.87 -20.88 28.68
C VAL A 225 7.49 -20.50 29.22
N ASP A 226 7.02 -21.29 30.18
CA ASP A 226 5.76 -20.99 30.86
C ASP A 226 6.07 -20.50 32.28
N LYS A 227 5.91 -19.21 32.49
CA LYS A 227 6.28 -18.58 33.76
C LYS A 227 5.05 -18.05 34.49
N ARG A 228 4.86 -18.52 35.71
CA ARG A 228 3.73 -18.09 36.54
C ARG A 228 4.11 -16.89 37.40
N VAL A 229 3.27 -15.87 37.35
CA VAL A 229 3.50 -14.64 38.12
C VAL A 229 2.61 -14.62 39.35
N GLU A 230 3.23 -14.53 40.53
CA GLU A 230 2.52 -14.49 41.81
C GLU A 230 2.85 -13.21 42.57
N PRO A 231 1.90 -12.73 43.39
CA PRO A 231 2.18 -11.53 44.21
C PRO A 231 3.33 -11.75 45.18
N LYS A 232 3.91 -10.66 45.69
CA LYS A 232 5.01 -10.75 46.63
C LYS A 232 4.51 -11.19 48.01
N TYR B 2 23.44 15.05 7.00
CA TYR B 2 22.37 15.66 6.20
C TYR B 2 22.55 17.17 6.10
N GLU B 3 22.62 17.69 4.88
CA GLU B 3 22.74 19.12 4.65
C GLU B 3 21.37 19.75 4.43
N LEU B 4 20.33 18.93 4.43
CA LEU B 4 18.96 19.41 4.35
C LEU B 4 18.30 19.21 5.71
N THR B 5 17.77 20.30 6.27
CA THR B 5 17.20 20.29 7.62
C THR B 5 15.69 20.45 7.58
N GLN B 6 15.00 19.66 8.38
CA GLN B 6 13.55 19.78 8.54
C GLN B 6 13.20 19.95 10.02
N GLU B 7 11.91 20.10 10.31
CA GLU B 7 11.43 20.14 11.69
C GLU B 7 11.44 18.74 12.27
N THR B 8 11.73 18.64 13.56
CA THR B 8 11.74 17.35 14.24
C THR B 8 10.32 16.81 14.33
N GLY B 9 9.38 17.66 14.72
CA GLY B 9 8.00 17.28 14.85
C GLY B 9 7.06 18.48 14.92
N VAL B 10 5.99 18.42 14.13
CA VAL B 10 4.98 19.48 14.10
C VAL B 10 3.60 18.89 14.30
N SER B 11 2.78 19.56 15.10
CA SER B 11 1.41 19.13 15.35
C SER B 11 0.41 20.11 14.75
N VAL B 12 -0.79 19.62 14.44
CA VAL B 12 -1.83 20.44 13.83
C VAL B 12 -3.21 19.90 14.17
N ALA B 13 -4.18 20.81 14.32
CA ALA B 13 -5.55 20.44 14.60
C ALA B 13 -6.20 19.82 13.37
N LEU B 14 -7.35 19.17 13.55
CA LEU B 14 -8.03 18.52 12.44
C LEU B 14 -8.76 19.53 11.57
N GLY B 15 -8.41 19.55 10.28
CA GLY B 15 -9.08 20.40 9.32
C GLY B 15 -8.51 21.81 9.26
N ARG B 16 -7.28 21.96 9.75
CA ARG B 16 -6.60 23.25 9.72
C ARG B 16 -5.32 23.19 8.88
N THR B 17 -4.75 24.36 8.61
CA THR B 17 -3.57 24.46 7.76
C THR B 17 -2.28 24.39 8.57
N VAL B 18 -1.30 23.69 8.00
CA VAL B 18 0.02 23.59 8.61
C VAL B 18 1.08 23.62 7.50
N THR B 19 2.24 24.18 7.81
CA THR B 19 3.31 24.31 6.83
C THR B 19 4.65 23.89 7.42
N ILE B 20 5.21 22.81 6.87
CA ILE B 20 6.54 22.37 7.24
C ILE B 20 7.54 22.93 6.24
N THR B 21 8.78 23.13 6.68
CA THR B 21 9.81 23.75 5.85
C THR B 21 11.05 22.88 5.76
N CYS B 22 11.84 23.09 4.71
CA CYS B 22 13.09 22.35 4.51
C CYS B 22 14.19 23.33 4.09
N ARG B 23 15.27 23.37 4.87
CA ARG B 23 16.34 24.35 4.67
C ARG B 23 17.63 23.70 4.18
N GLY B 24 18.28 24.36 3.23
CA GLY B 24 19.53 23.87 2.68
C GLY B 24 20.10 24.85 1.66
N ASP B 25 21.43 24.88 1.57
CA ASP B 25 22.10 25.81 0.65
C ASP B 25 21.86 25.45 -0.80
N SER B 26 21.76 24.17 -1.09
CA SER B 26 21.55 23.69 -2.45
C SER B 26 20.14 24.00 -2.95
N LEU B 27 19.22 24.26 -2.03
CA LEU B 27 17.84 24.57 -2.38
C LEU B 27 17.72 25.93 -3.06
N ARG B 28 18.75 26.75 -2.91
CA ARG B 28 18.80 28.05 -3.58
C ARG B 28 18.83 27.86 -5.09
N SER B 29 19.43 26.76 -5.54
CA SER B 29 19.60 26.48 -6.96
C SER B 29 18.70 25.34 -7.44
N HIS B 30 18.29 24.47 -6.52
CA HIS B 30 17.50 23.29 -6.86
C HIS B 30 16.16 23.25 -6.13
N TYR B 31 15.18 22.62 -6.74
CA TYR B 31 13.88 22.41 -6.12
C TYR B 31 13.93 21.23 -5.15
N ALA B 32 12.79 20.93 -4.53
CA ALA B 32 12.69 19.83 -3.58
C ALA B 32 11.40 19.04 -3.79
N SER B 33 11.50 17.72 -3.67
CA SER B 33 10.35 16.83 -3.80
C SER B 33 9.98 16.26 -2.43
N TRP B 34 8.68 16.27 -2.12
CA TRP B 34 8.18 15.82 -0.82
C TRP B 34 7.59 14.41 -0.93
N TYR B 35 7.68 13.66 0.16
CA TYR B 35 7.16 12.29 0.21
C TYR B 35 6.49 11.99 1.55
N GLN B 36 5.39 11.25 1.50
CA GLN B 36 4.68 10.83 2.71
C GLN B 36 5.12 9.42 3.11
N LYS B 37 5.45 9.25 4.39
CA LYS B 37 5.94 7.97 4.89
C LYS B 37 5.15 7.53 6.13
N LYS B 38 4.50 6.38 6.03
CA LYS B 38 3.81 5.76 7.15
C LYS B 38 4.57 4.51 7.59
N PRO B 39 4.55 4.20 8.90
CA PRO B 39 5.26 3.01 9.40
C PRO B 39 4.84 1.72 8.71
N GLY B 40 5.81 0.99 8.16
CA GLY B 40 5.54 -0.28 7.52
C GLY B 40 4.88 -0.15 6.15
N GLN B 41 5.00 1.04 5.56
CA GLN B 41 4.43 1.30 4.24
C GLN B 41 5.43 2.02 3.36
N ALA B 42 5.30 1.84 2.05
CA ALA B 42 6.23 2.46 1.10
C ALA B 42 5.98 3.97 1.00
N PRO B 43 7.03 4.76 0.76
CA PRO B 43 6.84 6.21 0.60
C PRO B 43 5.97 6.55 -0.62
N ILE B 44 5.42 7.76 -0.64
CA ILE B 44 4.58 8.21 -1.73
C ILE B 44 4.95 9.63 -2.15
N LEU B 45 5.17 9.84 -3.45
CA LEU B 45 5.50 11.16 -3.96
C LEU B 45 4.28 12.07 -3.91
N LEU B 46 4.43 13.19 -3.21
CA LEU B 46 3.32 14.14 -3.01
C LEU B 46 3.41 15.34 -3.94
N PHE B 47 4.62 15.86 -4.10
CA PHE B 47 4.83 17.09 -4.84
C PHE B 47 6.30 17.24 -5.24
N TYR B 48 6.55 17.93 -6.33
CA TYR B 48 7.91 18.13 -6.80
C TYR B 48 8.00 19.31 -7.76
N GLY B 49 9.21 19.83 -7.94
CA GLY B 49 9.45 20.91 -8.87
C GLY B 49 8.78 22.21 -8.47
N LYS B 50 8.44 23.03 -9.46
CA LYS B 50 7.84 24.34 -9.22
C LYS B 50 6.38 24.21 -8.79
N ASN B 51 5.58 23.53 -9.62
CA ASN B 51 4.16 23.38 -9.34
C ASN B 51 3.59 22.12 -9.99
N ASN B 52 4.17 20.98 -9.64
CA ASN B 52 3.75 19.70 -10.20
C ASN B 52 3.22 18.77 -9.12
N ARG B 53 1.92 18.48 -9.18
CA ARG B 53 1.28 17.54 -8.27
C ARG B 53 0.91 16.26 -9.02
N PRO B 54 1.52 15.12 -8.65
CA PRO B 54 1.16 13.86 -9.30
C PRO B 54 -0.31 13.50 -9.15
N SER B 55 -0.84 12.74 -10.10
CA SER B 55 -2.23 12.28 -10.02
C SER B 55 -2.41 11.31 -8.85
N GLY B 56 -3.56 11.40 -8.20
CA GLY B 56 -3.85 10.58 -7.04
C GLY B 56 -3.66 11.34 -5.74
N VAL B 57 -2.79 12.34 -5.77
CA VAL B 57 -2.55 13.18 -4.61
C VAL B 57 -3.62 14.27 -4.51
N PRO B 58 -4.27 14.40 -3.34
CA PRO B 58 -5.32 15.43 -3.21
C PRO B 58 -4.78 16.85 -3.34
N ASP B 59 -5.65 17.79 -3.69
CA ASP B 59 -5.23 19.16 -4.00
C ASP B 59 -4.89 19.98 -2.75
N ARG B 60 -5.02 19.39 -1.58
CA ARG B 60 -4.70 20.10 -0.34
C ARG B 60 -3.20 20.18 -0.13
N PHE B 61 -2.46 19.32 -0.83
CA PHE B 61 -0.99 19.34 -0.77
C PHE B 61 -0.44 20.28 -1.84
N SER B 62 0.35 21.26 -1.42
CA SER B 62 0.96 22.22 -2.34
C SER B 62 2.33 22.64 -1.83
N GLY B 63 3.28 22.77 -2.75
CA GLY B 63 4.65 23.11 -2.41
C GLY B 63 5.05 24.49 -2.89
N SER B 64 6.09 25.04 -2.28
CA SER B 64 6.63 26.34 -2.69
C SER B 64 8.13 26.39 -2.41
N ALA B 65 8.77 27.46 -2.86
CA ALA B 65 10.20 27.63 -2.65
C ALA B 65 10.58 29.11 -2.64
N SER B 66 11.44 29.49 -1.71
CA SER B 66 11.90 30.87 -1.59
C SER B 66 13.23 30.92 -0.85
N GLY B 67 14.25 31.43 -1.53
CA GLY B 67 15.59 31.49 -0.96
C GLY B 67 16.15 30.09 -0.78
N ASN B 68 16.55 29.78 0.45
CA ASN B 68 17.12 28.46 0.77
C ASN B 68 16.11 27.57 1.47
N ARG B 69 14.83 27.93 1.40
CA ARG B 69 13.78 27.20 2.08
C ARG B 69 12.71 26.70 1.11
N ALA B 70 12.27 25.46 1.31
CA ALA B 70 11.17 24.87 0.55
C ALA B 70 10.08 24.42 1.52
N SER B 71 8.84 24.79 1.23
CA SER B 71 7.72 24.57 2.15
C SER B 71 6.62 23.71 1.53
N LEU B 72 5.98 22.90 2.38
CA LEU B 72 4.83 22.09 1.99
C LEU B 72 3.64 22.44 2.88
N THR B 73 2.61 23.03 2.27
CA THR B 73 1.41 23.45 3.01
C THR B 73 0.27 22.46 2.80
N ILE B 74 -0.42 22.13 3.89
CA ILE B 74 -1.56 21.21 3.84
C ILE B 74 -2.81 21.90 4.39
N SER B 75 -3.52 22.60 3.51
CA SER B 75 -4.75 23.29 3.88
C SER B 75 -5.87 22.31 4.16
N GLY B 76 -6.37 22.31 5.40
CA GLY B 76 -7.42 21.40 5.80
C GLY B 76 -6.92 19.98 5.92
N ALA B 77 -5.95 19.78 6.80
CA ALA B 77 -5.36 18.46 7.02
C ALA B 77 -6.38 17.47 7.59
N GLN B 78 -6.44 16.29 7.00
CA GLN B 78 -7.35 15.25 7.46
C GLN B 78 -6.65 14.31 8.44
N ALA B 79 -7.42 13.41 9.05
CA ALA B 79 -6.91 12.54 10.10
C ALA B 79 -5.81 11.60 9.60
N GLU B 80 -5.95 11.11 8.38
CA GLU B 80 -5.03 10.12 7.84
C GLU B 80 -3.71 10.74 7.39
N ASP B 81 -3.60 12.06 7.51
CA ASP B 81 -2.36 12.75 7.14
C ASP B 81 -1.30 12.62 8.23
N ASP B 82 -1.69 12.05 9.37
CA ASP B 82 -0.76 11.82 10.47
C ASP B 82 0.32 10.84 10.03
N ALA B 83 1.46 11.36 9.59
CA ALA B 83 2.54 10.53 9.10
C ALA B 83 3.86 11.28 9.10
N GLU B 84 4.89 10.66 8.52
CA GLU B 84 6.21 11.27 8.42
C GLU B 84 6.43 11.82 7.02
N TYR B 85 7.17 12.91 6.93
CA TYR B 85 7.42 13.57 5.65
C TYR B 85 8.89 13.90 5.46
N TYR B 86 9.39 13.69 4.24
CA TYR B 86 10.79 13.92 3.91
C TYR B 86 10.93 14.71 2.62
N CYS B 87 11.86 15.66 2.62
CA CYS B 87 12.16 16.45 1.42
C CYS B 87 13.45 15.96 0.79
N SER B 88 13.46 15.85 -0.53
CA SER B 88 14.61 15.35 -1.27
C SER B 88 15.11 16.35 -2.29
N SER B 89 16.42 16.52 -2.35
CA SER B 89 17.04 17.43 -3.31
C SER B 89 18.53 17.14 -3.44
N ARG B 90 19.23 17.98 -4.18
CA ARG B 90 20.67 17.82 -4.35
C ARG B 90 21.40 18.23 -3.08
N ASP B 91 22.51 17.54 -2.80
CA ASP B 91 23.33 17.87 -1.63
C ASP B 91 24.01 19.23 -1.81
N LYS B 92 24.58 19.44 -3.00
CA LYS B 92 25.26 20.69 -3.31
C LYS B 92 24.75 21.27 -4.63
N SER B 93 25.06 22.54 -4.87
CA SER B 93 24.66 23.21 -6.10
C SER B 93 25.48 22.67 -7.29
N GLY B 94 24.80 21.93 -8.17
CA GLY B 94 25.44 21.39 -9.35
C GLY B 94 25.96 19.98 -9.15
N SER B 95 25.49 19.32 -8.10
CA SER B 95 25.91 17.96 -7.79
C SER B 95 25.00 16.92 -8.44
N ARG B 96 25.55 15.74 -8.68
CA ARG B 96 24.78 14.64 -9.28
C ARG B 96 24.17 13.75 -8.21
N LEU B 97 24.51 14.02 -6.95
CA LEU B 97 24.02 13.22 -5.83
C LEU B 97 22.73 13.78 -5.25
N SER B 98 21.91 12.91 -4.69
CA SER B 98 20.67 13.30 -4.03
C SER B 98 20.76 13.04 -2.52
N VAL B 99 19.91 13.70 -1.75
CA VAL B 99 19.90 13.55 -0.30
C VAL B 99 18.56 13.95 0.29
N PHE B 100 18.18 13.30 1.38
CA PHE B 100 16.94 13.58 2.08
C PHE B 100 17.17 14.47 3.31
N GLY B 101 16.09 14.85 3.97
CA GLY B 101 16.16 15.69 5.16
C GLY B 101 16.04 14.90 6.43
N GLY B 102 16.08 15.60 7.56
CA GLY B 102 15.98 14.97 8.86
C GLY B 102 14.65 14.29 9.10
N GLY B 103 13.65 14.69 8.32
CA GLY B 103 12.32 14.11 8.43
C GLY B 103 11.48 14.83 9.47
N THR B 104 10.19 14.96 9.19
CA THR B 104 9.26 15.64 10.10
C THR B 104 8.05 14.76 10.38
N LYS B 105 7.73 14.61 11.66
CA LYS B 105 6.56 13.85 12.10
C LYS B 105 5.36 14.78 12.25
N LEU B 106 4.37 14.60 11.39
CA LEU B 106 3.15 15.41 11.45
C LEU B 106 2.13 14.77 12.39
N THR B 107 1.76 15.51 13.43
CA THR B 107 0.80 15.02 14.42
C THR B 107 -0.58 15.62 14.18
N VAL B 108 -1.46 14.81 13.61
CA VAL B 108 -2.85 15.21 13.41
C VAL B 108 -3.69 14.70 14.57
N LEU B 109 -4.27 15.62 15.33
CA LEU B 109 -5.02 15.24 16.52
C LEU B 109 -6.43 14.84 16.11
N SER B 110 -6.60 13.57 15.76
CA SER B 110 -7.90 13.04 15.41
C SER B 110 -8.62 12.56 16.67
N GLN B 111 -7.84 12.06 17.62
CA GLN B 111 -8.38 11.61 18.90
C GLN B 111 -8.11 12.67 19.97
N PRO B 112 -8.84 12.62 21.09
CA PRO B 112 -8.62 13.53 22.21
C PRO B 112 -7.39 13.16 23.05
N LYS B 113 -6.61 14.17 23.43
CA LYS B 113 -5.37 13.97 24.17
C LYS B 113 -5.63 13.17 25.44
N ALA B 114 -4.88 12.09 25.62
CA ALA B 114 -5.07 11.18 26.76
C ALA B 114 -3.86 11.17 27.67
N ALA B 115 -4.10 11.06 28.98
CA ALA B 115 -3.02 11.02 29.96
C ALA B 115 -2.38 9.63 30.00
N PRO B 116 -1.05 9.57 30.18
CA PRO B 116 -0.35 8.27 30.22
C PRO B 116 -0.53 7.53 31.53
N SER B 117 -0.67 6.21 31.45
CA SER B 117 -0.75 5.35 32.62
C SER B 117 0.59 4.69 32.89
N VAL B 118 1.27 5.13 33.94
CA VAL B 118 2.63 4.68 34.24
C VAL B 118 2.66 3.66 35.37
N THR B 119 3.51 2.64 35.21
CA THR B 119 3.72 1.63 36.24
C THR B 119 5.20 1.26 36.29
N LEU B 120 5.77 1.29 37.49
CA LEU B 120 7.19 1.00 37.70
C LEU B 120 7.39 -0.29 38.49
N PHE B 121 8.15 -1.22 37.91
CA PHE B 121 8.43 -2.50 38.53
C PHE B 121 9.87 -2.60 39.01
N PRO B 122 10.09 -2.87 40.31
CA PRO B 122 11.46 -3.05 40.78
C PRO B 122 12.03 -4.41 40.36
N PRO B 123 13.36 -4.59 40.45
CA PRO B 123 13.98 -5.86 40.07
C PRO B 123 13.44 -7.04 40.87
N SER B 124 12.90 -8.03 40.17
CA SER B 124 12.39 -9.24 40.82
C SER B 124 13.54 -9.97 41.49
N SER B 125 13.24 -10.65 42.60
CA SER B 125 14.26 -11.40 43.34
C SER B 125 14.90 -12.47 42.47
N GLU B 126 14.17 -12.94 41.47
CA GLU B 126 14.68 -13.96 40.57
C GLU B 126 15.78 -13.40 39.67
N GLU B 127 15.65 -12.13 39.30
CA GLU B 127 16.64 -11.46 38.48
C GLU B 127 17.88 -11.11 39.29
N LEU B 128 17.68 -10.75 40.56
CA LEU B 128 18.78 -10.34 41.43
C LEU B 128 19.74 -11.49 41.68
N GLN B 129 19.23 -12.73 41.66
CA GLN B 129 20.07 -13.90 41.84
C GLN B 129 20.98 -14.11 40.64
N ALA B 130 20.65 -13.48 39.52
CA ALA B 130 21.45 -13.55 38.30
C ALA B 130 22.44 -12.39 38.24
N ASN B 131 22.66 -11.75 39.39
CA ASN B 131 23.58 -10.62 39.49
C ASN B 131 23.19 -9.51 38.52
N LYS B 132 21.89 -9.31 38.36
CA LYS B 132 21.36 -8.26 37.49
C LYS B 132 20.16 -7.59 38.16
N ALA B 133 19.91 -6.34 37.78
CA ALA B 133 18.78 -5.59 38.32
C ALA B 133 18.28 -4.60 37.28
N THR B 134 17.08 -4.85 36.77
CA THR B 134 16.50 -4.03 35.71
C THR B 134 15.17 -3.43 36.14
N LEU B 135 15.14 -2.09 36.20
CA LEU B 135 13.92 -1.37 36.50
C LEU B 135 13.08 -1.21 35.25
N VAL B 136 11.86 -1.74 35.27
CA VAL B 136 10.97 -1.69 34.12
C VAL B 136 9.89 -0.64 34.33
N CYS B 137 9.91 0.39 33.49
CA CYS B 137 8.93 1.46 33.54
C CYS B 137 8.04 1.43 32.31
N LEU B 138 6.79 1.03 32.51
CA LEU B 138 5.85 0.87 31.40
C LEU B 138 4.89 2.05 31.31
N ILE B 139 4.68 2.52 30.09
CA ILE B 139 3.79 3.65 29.81
C ILE B 139 2.79 3.23 28.75
N SER B 140 1.53 3.62 28.91
CA SER B 140 0.48 3.20 27.97
C SER B 140 -0.73 4.12 27.97
N ASP B 141 -1.52 4.01 26.91
CA ASP B 141 -2.79 4.71 26.79
C ASP B 141 -2.65 6.23 26.87
N PHE B 142 -1.77 6.80 26.05
CA PHE B 142 -1.61 8.24 25.95
C PHE B 142 -1.67 8.71 24.50
N TYR B 143 -2.00 9.99 24.32
CA TYR B 143 -2.12 10.57 22.98
C TYR B 143 -1.82 12.07 23.03
N PRO B 144 -1.01 12.57 22.06
CA PRO B 144 -0.33 11.84 20.97
C PRO B 144 0.95 11.15 21.43
N GLY B 145 1.55 10.36 20.55
CA GLY B 145 2.74 9.61 20.87
C GLY B 145 3.97 10.47 20.97
N ALA B 146 4.09 11.20 22.08
CA ALA B 146 5.25 12.06 22.33
C ALA B 146 5.45 12.25 23.82
N VAL B 147 6.30 11.41 24.40
CA VAL B 147 6.55 11.42 25.84
C VAL B 147 8.03 11.53 26.16
N THR B 148 8.34 12.10 27.32
CA THR B 148 9.72 12.23 27.79
C THR B 148 9.91 11.48 29.10
N VAL B 149 10.80 10.50 29.09
CA VAL B 149 11.06 9.67 30.26
C VAL B 149 12.43 10.01 30.86
N ALA B 150 12.45 10.19 32.18
CA ALA B 150 13.68 10.49 32.90
C ALA B 150 13.78 9.61 34.14
N TRP B 151 15.01 9.21 34.46
CA TRP B 151 15.27 8.35 35.61
C TRP B 151 16.03 9.10 36.70
N LYS B 152 15.74 8.76 37.96
CA LYS B 152 16.39 9.38 39.09
C LYS B 152 16.83 8.36 40.12
N ALA B 153 18.08 8.50 40.58
CA ALA B 153 18.56 7.77 41.76
C ALA B 153 18.53 8.74 42.93
N ASP B 154 17.71 8.44 43.92
CA ASP B 154 17.38 9.40 44.97
C ASP B 154 16.84 10.67 44.31
N SER B 155 17.50 11.81 44.51
CA SER B 155 17.11 13.05 43.84
C SER B 155 17.99 13.32 42.62
N SER B 156 18.94 12.43 42.36
CA SER B 156 19.93 12.64 41.31
C SER B 156 19.51 11.97 39.98
N PRO B 157 19.57 12.72 38.86
CA PRO B 157 19.22 12.13 37.56
C PRO B 157 20.16 11.01 37.13
N VAL B 158 19.62 10.01 36.45
CA VAL B 158 20.42 8.90 35.94
C VAL B 158 20.88 9.20 34.52
N LYS B 159 22.17 9.10 34.29
CA LYS B 159 22.76 9.44 32.99
C LYS B 159 22.70 8.28 32.01
N ALA B 160 23.60 7.31 32.20
CA ALA B 160 23.70 6.17 31.30
C ALA B 160 22.89 4.99 31.82
N GLY B 161 22.73 3.97 30.98
CA GLY B 161 22.01 2.76 31.36
C GLY B 161 20.54 2.79 31.00
N VAL B 162 20.10 3.89 30.39
CA VAL B 162 18.69 4.06 30.04
C VAL B 162 18.45 3.69 28.57
N GLU B 163 17.43 2.86 28.35
CA GLU B 163 17.02 2.50 27.00
C GLU B 163 15.50 2.56 26.91
N THR B 164 15.01 3.35 25.96
CA THR B 164 13.58 3.58 25.81
C THR B 164 13.15 3.29 24.38
N THR B 165 11.97 2.70 24.23
CA THR B 165 11.41 2.39 22.92
C THR B 165 10.66 3.60 22.37
N THR B 166 10.36 3.57 21.09
CA THR B 166 9.55 4.63 20.47
C THR B 166 8.07 4.28 20.65
N PRO B 167 7.25 5.28 21.01
CA PRO B 167 5.81 5.03 21.19
C PRO B 167 5.17 4.32 19.99
N SER B 168 4.48 3.22 20.24
CA SER B 168 3.88 2.42 19.19
C SER B 168 2.36 2.36 19.34
N LYS B 169 1.67 2.11 18.24
CA LYS B 169 0.21 2.04 18.25
C LYS B 169 -0.29 0.86 19.07
N GLN B 170 -1.31 1.10 19.88
CA GLN B 170 -1.98 0.05 20.64
C GLN B 170 -3.12 -0.53 19.80
N SER B 171 -3.99 -1.31 20.45
CA SER B 171 -5.16 -1.84 19.80
C SER B 171 -6.20 -0.74 19.58
N ASN B 172 -6.31 0.16 20.54
CA ASN B 172 -7.27 1.26 20.47
C ASN B 172 -6.64 2.53 19.90
N ASN B 173 -5.62 2.35 19.06
CA ASN B 173 -4.94 3.45 18.38
C ASN B 173 -4.32 4.48 19.33
N LYS B 174 -4.18 4.13 20.59
CA LYS B 174 -3.45 4.96 21.54
C LYS B 174 -1.98 4.53 21.51
N TYR B 175 -1.12 5.23 22.22
CA TYR B 175 0.31 4.95 22.18
C TYR B 175 0.83 4.34 23.47
N ALA B 176 1.93 3.60 23.35
CA ALA B 176 2.57 2.94 24.48
C ALA B 176 4.06 2.82 24.27
N ALA B 177 4.82 2.98 25.34
CA ALA B 177 6.27 2.86 25.30
C ALA B 177 6.78 2.15 26.55
N SER B 178 8.06 1.83 26.57
CA SER B 178 8.67 1.16 27.71
C SER B 178 10.13 1.58 27.87
N SER B 179 10.50 1.86 29.12
CA SER B 179 11.88 2.26 29.44
C SER B 179 12.49 1.26 30.43
N TYR B 180 13.76 0.98 30.24
CA TYR B 180 14.49 0.05 31.10
C TYR B 180 15.74 0.71 31.66
N LEU B 181 16.01 0.47 32.94
CA LEU B 181 17.22 0.98 33.58
C LEU B 181 17.99 -0.19 34.20
N SER B 182 19.06 -0.61 33.51
CA SER B 182 19.87 -1.72 33.96
C SER B 182 20.85 -1.29 35.05
N LEU B 183 20.76 -1.95 36.21
CA LEU B 183 21.64 -1.67 37.33
C LEU B 183 22.26 -2.96 37.86
N THR B 184 23.40 -2.83 38.53
CA THR B 184 24.02 -3.95 39.22
C THR B 184 23.40 -4.03 40.62
N PRO B 185 23.22 -5.26 41.14
CA PRO B 185 22.59 -5.44 42.47
C PRO B 185 23.16 -4.52 43.55
N GLU B 186 24.44 -4.18 43.45
CA GLU B 186 25.06 -3.27 44.40
C GLU B 186 24.45 -1.88 44.30
N GLN B 187 24.30 -1.40 43.07
CA GLN B 187 23.72 -0.08 42.82
C GLN B 187 22.26 -0.03 43.24
N TRP B 188 21.54 -1.12 42.99
CA TRP B 188 20.13 -1.20 43.33
C TRP B 188 19.90 -1.04 44.83
N LYS B 189 20.83 -1.57 45.62
CA LYS B 189 20.70 -1.57 47.07
C LYS B 189 21.39 -0.37 47.71
N SER B 190 22.18 0.36 46.93
CA SER B 190 22.98 1.47 47.45
C SER B 190 22.16 2.75 47.64
N HIS B 191 21.05 2.88 46.91
CA HIS B 191 20.22 4.07 46.97
C HIS B 191 18.95 3.87 47.79
N ARG B 192 18.35 4.97 48.23
CA ARG B 192 17.13 4.93 49.03
C ARG B 192 15.92 4.62 48.15
N SER B 193 15.90 5.19 46.96
CA SER B 193 14.76 5.01 46.05
C SER B 193 15.12 5.37 44.62
N TYR B 194 14.41 4.77 43.67
CA TYR B 194 14.56 5.09 42.26
C TYR B 194 13.23 5.58 41.69
N SER B 195 13.29 6.58 40.82
CA SER B 195 12.08 7.18 40.26
C SER B 195 12.06 7.09 38.74
N CYS B 196 10.85 7.20 38.17
CA CYS B 196 10.66 7.15 36.73
C CYS B 196 9.69 8.26 36.30
N GLN B 197 10.23 9.42 35.95
CA GLN B 197 9.42 10.56 35.57
C GLN B 197 9.02 10.52 34.11
N VAL B 198 7.71 10.54 33.86
CA VAL B 198 7.16 10.52 32.50
C VAL B 198 6.42 11.82 32.21
N THR B 199 6.98 12.63 31.31
CA THR B 199 6.36 13.89 30.92
C THR B 199 5.56 13.70 29.63
N HIS B 200 4.37 14.30 29.58
CA HIS B 200 3.50 14.20 28.42
C HIS B 200 2.58 15.40 28.28
N GLU B 201 2.84 16.22 27.26
CA GLU B 201 2.01 17.37 26.94
C GLU B 201 1.92 18.34 28.12
N GLY B 202 3.06 18.63 28.73
CA GLY B 202 3.15 19.60 29.80
C GLY B 202 2.87 19.04 31.18
N SER B 203 2.40 17.79 31.23
CA SER B 203 2.11 17.12 32.49
C SER B 203 3.14 16.04 32.77
N THR B 204 3.44 15.82 34.06
CA THR B 204 4.46 14.87 34.48
C THR B 204 3.95 13.91 35.55
N VAL B 205 4.08 12.61 35.27
CA VAL B 205 3.75 11.56 36.23
C VAL B 205 5.03 10.88 36.72
N GLU B 206 5.10 10.62 38.02
CA GLU B 206 6.27 9.99 38.61
C GLU B 206 5.90 8.81 39.50
N LYS B 207 6.50 7.66 39.21
CA LYS B 207 6.39 6.48 40.05
C LYS B 207 7.74 6.23 40.72
N THR B 208 7.70 5.69 41.94
CA THR B 208 8.91 5.47 42.71
C THR B 208 8.92 4.09 43.35
N VAL B 209 10.09 3.48 43.39
CA VAL B 209 10.27 2.17 44.04
C VAL B 209 11.48 2.22 44.96
N ALA B 210 11.55 1.27 45.89
CA ALA B 210 12.63 1.22 46.87
C ALA B 210 13.16 -0.21 47.04
N PRO B 211 14.42 -0.35 47.48
CA PRO B 211 15.00 -1.67 47.73
C PRO B 211 14.24 -2.47 48.78
N THR B 212 13.63 -1.78 49.73
CA THR B 212 12.93 -2.43 50.83
C THR B 212 11.49 -2.78 50.45
N GLU B 213 11.07 -3.97 50.85
CA GLU B 213 9.70 -4.44 50.60
C GLU B 213 9.38 -4.42 49.11
N GLU C 1 0.46 -0.44 11.73
CA GLU C 1 1.06 -1.58 12.50
C GLU C 1 0.66 -2.91 11.86
N VAL C 2 -0.59 -3.01 11.44
CA VAL C 2 -1.10 -4.22 10.80
C VAL C 2 -0.56 -4.36 9.38
N GLN C 3 -0.03 -5.52 9.07
CA GLN C 3 0.54 -5.80 7.75
C GLN C 3 0.01 -7.11 7.18
N LEU C 4 -0.42 -7.06 5.92
CA LEU C 4 -0.92 -8.24 5.22
C LEU C 4 -0.31 -8.33 3.83
N VAL C 5 0.34 -9.46 3.54
CA VAL C 5 1.02 -9.65 2.26
C VAL C 5 0.67 -11.00 1.65
N GLU C 6 0.01 -10.96 0.48
CA GLU C 6 -0.36 -12.18 -0.24
C GLU C 6 0.74 -12.56 -1.23
N SER C 7 0.79 -13.83 -1.61
CA SER C 7 1.78 -14.31 -2.56
C SER C 7 1.42 -15.70 -3.08
N GLY C 8 2.03 -16.10 -4.19
CA GLY C 8 1.85 -17.43 -4.75
C GLY C 8 0.99 -17.45 -6.01
N GLY C 9 0.60 -16.27 -6.49
CA GLY C 9 -0.25 -16.18 -7.66
C GLY C 9 0.55 -16.26 -8.95
N GLY C 10 -0.15 -16.54 -10.05
CA GLY C 10 0.49 -16.64 -11.36
C GLY C 10 -0.43 -17.26 -12.39
N LEU C 11 0.16 -17.85 -13.43
CA LEU C 11 -0.60 -18.49 -14.50
C LEU C 11 -0.78 -19.98 -14.22
N VAL C 12 -1.93 -20.52 -14.64
CA VAL C 12 -2.24 -21.93 -14.42
C VAL C 12 -3.31 -22.39 -15.41
N LYS C 13 -3.17 -23.63 -15.89
CA LYS C 13 -4.13 -24.21 -16.82
C LYS C 13 -5.45 -24.54 -16.13
N PRO C 14 -6.55 -24.58 -16.89
CA PRO C 14 -7.84 -24.99 -16.30
C PRO C 14 -7.77 -26.39 -15.73
N GLY C 15 -8.35 -26.59 -14.54
CA GLY C 15 -8.33 -27.89 -13.89
C GLY C 15 -7.09 -28.08 -13.02
N GLY C 16 -6.12 -27.17 -13.14
CA GLY C 16 -4.90 -27.24 -12.36
C GLY C 16 -5.15 -26.85 -10.92
N SER C 17 -4.07 -26.76 -10.14
CA SER C 17 -4.17 -26.42 -8.72
C SER C 17 -3.16 -25.33 -8.35
N LEU C 18 -3.39 -24.69 -7.20
CA LEU C 18 -2.53 -23.61 -6.74
C LEU C 18 -2.83 -23.27 -5.28
N ARG C 19 -1.78 -22.91 -4.52
CA ARG C 19 -1.93 -22.59 -3.11
C ARG C 19 -1.38 -21.20 -2.79
N LEU C 20 -2.27 -20.31 -2.36
CA LEU C 20 -1.91 -18.94 -2.02
C LEU C 20 -1.54 -18.81 -0.54
N SER C 21 -0.53 -17.99 -0.26
CA SER C 21 -0.08 -17.76 1.11
C SER C 21 -0.32 -16.31 1.52
N CYS C 22 -0.44 -16.06 2.81
CA CYS C 22 -0.67 -14.71 3.32
C CYS C 22 -0.07 -14.53 4.72
N SER C 23 0.92 -13.64 4.82
CA SER C 23 1.60 -13.38 6.09
C SER C 23 0.94 -12.24 6.84
N ALA C 24 0.94 -12.33 8.17
CA ALA C 24 0.31 -11.32 9.03
C ALA C 24 1.22 -10.94 10.19
N SER C 25 1.13 -9.68 10.61
CA SER C 25 1.93 -9.18 11.73
C SER C 25 1.37 -7.86 12.25
N GLY C 26 1.62 -7.60 13.54
CA GLY C 26 1.20 -6.36 14.17
C GLY C 26 -0.09 -6.50 14.96
N PHE C 27 -0.57 -7.72 15.13
CA PHE C 27 -1.78 -7.97 15.90
C PHE C 27 -1.87 -9.42 16.36
N ASP C 28 -2.88 -9.71 17.16
CA ASP C 28 -3.11 -11.07 17.65
C ASP C 28 -3.70 -11.94 16.54
N PHE C 29 -2.83 -12.62 15.80
CA PHE C 29 -3.24 -13.43 14.66
C PHE C 29 -3.89 -14.74 15.10
N ASP C 30 -3.54 -15.20 16.29
CA ASP C 30 -3.98 -16.51 16.77
C ASP C 30 -5.49 -16.59 17.01
N ASN C 31 -6.08 -15.47 17.40
CA ASN C 31 -7.50 -15.41 17.72
C ASN C 31 -8.32 -14.63 16.68
N ALA C 32 -7.63 -14.09 15.68
CA ALA C 32 -8.29 -13.26 14.69
C ALA C 32 -8.90 -14.10 13.57
N TRP C 33 -10.10 -13.71 13.15
CA TRP C 33 -10.77 -14.36 12.03
C TRP C 33 -10.20 -13.84 10.71
N MET C 34 -10.05 -14.75 9.75
CA MET C 34 -9.49 -14.38 8.45
C MET C 34 -10.46 -14.77 7.34
N THR C 35 -10.49 -13.96 6.29
CA THR C 35 -11.42 -14.16 5.18
C THR C 35 -10.74 -13.86 3.86
N TRP C 36 -10.97 -14.73 2.88
CA TRP C 36 -10.49 -14.52 1.52
C TRP C 36 -11.58 -13.89 0.67
N VAL C 37 -11.21 -12.86 -0.09
CA VAL C 37 -12.13 -12.16 -0.98
C VAL C 37 -11.46 -11.96 -2.32
N ARG C 38 -12.16 -12.31 -3.40
CA ARG C 38 -11.61 -12.22 -4.74
C ARG C 38 -12.39 -11.21 -5.59
N GLN C 39 -11.70 -10.67 -6.60
CA GLN C 39 -12.31 -9.72 -7.52
C GLN C 39 -12.05 -10.12 -8.97
N PRO C 40 -13.07 -10.66 -9.65
CA PRO C 40 -12.90 -10.97 -11.08
C PRO C 40 -12.59 -9.72 -11.89
N PRO C 41 -11.87 -9.86 -13.01
CA PRO C 41 -11.48 -8.71 -13.83
C PRO C 41 -12.68 -7.94 -14.37
N GLY C 42 -12.70 -6.63 -14.16
CA GLY C 42 -13.78 -5.79 -14.63
C GLY C 42 -15.04 -5.92 -13.80
N LYS C 43 -14.94 -6.64 -12.68
CA LYS C 43 -16.07 -6.86 -11.79
C LYS C 43 -15.74 -6.43 -10.36
N GLY C 44 -16.69 -6.63 -9.45
CA GLY C 44 -16.54 -6.21 -8.08
C GLY C 44 -16.04 -7.29 -7.14
N LEU C 45 -16.08 -7.00 -5.85
CA LEU C 45 -15.59 -7.91 -4.82
C LEU C 45 -16.46 -9.16 -4.74
N GLU C 46 -15.90 -10.24 -4.19
CA GLU C 46 -16.63 -11.49 -4.05
C GLU C 46 -16.15 -12.29 -2.85
N TRP C 47 -17.04 -12.50 -1.89
CA TRP C 47 -16.73 -13.23 -0.67
C TRP C 47 -16.45 -14.69 -1.01
N VAL C 48 -15.27 -15.19 -0.63
CA VAL C 48 -14.87 -16.55 -0.93
C VAL C 48 -15.17 -17.48 0.24
N GLY C 49 -14.48 -17.28 1.35
CA GLY C 49 -14.66 -18.11 2.51
C GLY C 49 -13.97 -17.54 3.74
N ARG C 50 -14.35 -18.03 4.91
CA ARG C 50 -13.83 -17.55 6.18
C ARG C 50 -13.42 -18.70 7.09
N ILE C 51 -12.25 -18.55 7.72
CA ILE C 51 -11.80 -19.48 8.75
C ILE C 51 -11.88 -18.78 10.11
N THR C 52 -12.44 -19.47 11.08
CA THR C 52 -12.70 -18.88 12.39
C THR C 52 -11.50 -19.00 13.33
N GLY C 53 -11.70 -18.65 14.59
CA GLY C 53 -10.66 -18.68 15.60
C GLY C 53 -10.72 -19.95 16.43
N PRO C 54 -10.01 -19.96 17.57
CA PRO C 54 -9.96 -21.15 18.43
C PRO C 54 -11.30 -21.48 19.07
N GLY C 55 -12.07 -20.46 19.42
CA GLY C 55 -13.33 -20.64 20.11
C GLY C 55 -14.34 -21.43 19.29
N GLU C 56 -14.18 -21.40 17.97
CA GLU C 56 -15.10 -22.06 17.06
C GLU C 56 -14.52 -23.34 16.48
N GLY C 57 -13.37 -23.77 17.03
CA GLY C 57 -12.71 -24.98 16.57
C GLY C 57 -12.13 -24.83 15.19
N TRP C 58 -11.80 -23.59 14.83
CA TRP C 58 -11.19 -23.28 13.54
C TRP C 58 -12.08 -23.70 12.38
N SER C 59 -13.40 -23.67 12.60
CA SER C 59 -14.36 -24.03 11.57
C SER C 59 -14.22 -23.09 10.38
N VAL C 60 -14.50 -23.61 9.18
CA VAL C 60 -14.36 -22.84 7.95
C VAL C 60 -15.65 -22.85 7.13
N ASP C 61 -16.11 -21.66 6.77
CA ASP C 61 -17.28 -21.50 5.92
C ASP C 61 -16.88 -20.88 4.58
N TYR C 62 -17.30 -21.52 3.49
CA TYR C 62 -16.97 -21.07 2.13
C TYR C 62 -18.19 -20.47 1.43
N ALA C 63 -17.97 -19.93 0.25
CA ALA C 63 -19.06 -19.47 -0.60
C ALA C 63 -19.66 -20.65 -1.33
N ALA C 64 -20.78 -20.44 -2.01
CA ALA C 64 -21.48 -21.54 -2.67
C ALA C 64 -20.69 -22.11 -3.85
N PRO C 65 -20.20 -21.26 -4.76
CA PRO C 65 -19.49 -21.81 -5.93
C PRO C 65 -18.08 -22.29 -5.61
N VAL C 66 -17.66 -22.14 -4.35
CA VAL C 66 -16.27 -22.37 -3.98
C VAL C 66 -16.02 -23.70 -3.26
N GLU C 67 -16.86 -24.01 -2.27
CA GLU C 67 -16.65 -25.18 -1.42
C GLU C 67 -16.58 -26.47 -2.24
N GLY C 68 -15.82 -27.43 -1.74
CA GLY C 68 -15.65 -28.71 -2.41
C GLY C 68 -14.49 -28.69 -3.40
N ARG C 69 -13.89 -27.53 -3.57
CA ARG C 69 -12.77 -27.36 -4.49
C ARG C 69 -11.63 -26.59 -3.81
N PHE C 70 -11.99 -25.58 -3.03
CA PHE C 70 -11.00 -24.78 -2.31
C PHE C 70 -10.87 -25.24 -0.87
N THR C 71 -9.78 -24.84 -0.22
CA THR C 71 -9.53 -25.19 1.18
C THR C 71 -8.72 -24.10 1.88
N ILE C 72 -9.26 -23.58 2.97
CA ILE C 72 -8.57 -22.57 3.77
C ILE C 72 -7.96 -23.20 5.01
N SER C 73 -6.71 -22.83 5.31
CA SER C 73 -6.02 -23.32 6.50
C SER C 73 -5.12 -22.23 7.06
N ARG C 74 -4.63 -22.44 8.29
CA ARG C 74 -3.80 -21.44 8.95
C ARG C 74 -2.75 -22.07 9.88
N LEU C 75 -1.63 -21.38 10.03
CA LEU C 75 -0.56 -21.80 10.93
C LEU C 75 -0.22 -20.69 11.92
N ASN C 76 -0.81 -20.77 13.11
CA ASN C 76 -0.61 -19.74 14.13
C ASN C 76 0.84 -19.67 14.60
N SER C 77 1.58 -20.75 14.40
CA SER C 77 2.98 -20.82 14.83
C SER C 77 3.87 -19.88 14.02
N ILE C 78 3.60 -19.79 12.72
CA ILE C 78 4.41 -18.98 11.81
C ILE C 78 3.60 -17.79 11.28
N ASN C 79 2.36 -17.67 11.74
CA ASN C 79 1.45 -16.62 11.28
C ASN C 79 1.33 -16.60 9.75
N PHE C 80 0.63 -17.60 9.20
CA PHE C 80 0.41 -17.70 7.77
C PHE C 80 -0.98 -18.25 7.46
N LEU C 81 -1.68 -17.58 6.55
CA LEU C 81 -3.00 -18.03 6.08
C LEU C 81 -2.85 -18.62 4.69
N TYR C 82 -3.48 -19.78 4.46
CA TYR C 82 -3.35 -20.49 3.19
C TYR C 82 -4.70 -20.78 2.56
N LEU C 83 -4.75 -20.68 1.22
CA LEU C 83 -5.94 -21.01 0.45
C LEU C 83 -5.60 -21.96 -0.68
N GLU C 84 -5.86 -23.25 -0.47
CA GLU C 84 -5.62 -24.26 -1.48
C GLU C 84 -6.76 -24.28 -2.48
N MET C 85 -6.41 -24.31 -3.77
CA MET C 85 -7.42 -24.31 -4.84
C MET C 85 -7.20 -25.51 -5.77
N ASN C 86 -8.26 -26.29 -5.96
CA ASN C 86 -8.22 -27.48 -6.81
C ASN C 86 -9.29 -27.41 -7.90
N ASN C 87 -8.98 -28.00 -9.06
CA ASN C 87 -9.89 -27.98 -10.20
C ASN C 87 -10.26 -26.54 -10.59
N LEU C 88 -9.25 -25.73 -10.87
CA LEU C 88 -9.46 -24.33 -11.19
C LEU C 88 -10.22 -24.12 -12.50
N ARG C 89 -11.20 -23.22 -12.46
CA ARG C 89 -11.99 -22.85 -13.64
C ARG C 89 -11.60 -21.45 -14.09
N MET C 90 -12.04 -21.06 -15.28
CA MET C 90 -11.70 -19.76 -15.83
C MET C 90 -12.35 -18.62 -15.05
N GLU C 91 -13.47 -18.93 -14.39
CA GLU C 91 -14.20 -17.92 -13.62
C GLU C 91 -13.51 -17.61 -12.30
N ASP C 92 -12.50 -18.41 -11.95
CA ASP C 92 -11.80 -18.24 -10.68
C ASP C 92 -10.82 -17.07 -10.71
N SER C 93 -10.74 -16.38 -11.85
CA SER C 93 -9.87 -15.22 -11.97
C SER C 93 -10.49 -14.02 -11.24
N GLY C 94 -9.72 -12.96 -10.99
CA GLY C 94 -8.28 -12.91 -11.23
C GLY C 94 -7.47 -12.54 -9.99
N LEU C 95 -8.06 -11.75 -9.10
CA LEU C 95 -7.33 -11.18 -7.98
C LEU C 95 -7.91 -11.64 -6.64
N TYR C 96 -7.01 -11.98 -5.71
CA TYR C 96 -7.41 -12.53 -4.40
C TYR C 96 -6.83 -11.74 -3.23
N PHE C 97 -7.70 -11.34 -2.30
CA PHE C 97 -7.30 -10.60 -1.10
C PHE C 97 -7.47 -11.44 0.17
N CYS C 98 -6.68 -11.14 1.19
CA CYS C 98 -6.90 -11.68 2.53
C CYS C 98 -7.12 -10.52 3.50
N ALA C 99 -8.10 -10.66 4.38
CA ALA C 99 -8.51 -9.56 5.26
C ALA C 99 -8.78 -10.02 6.68
N ARG C 100 -8.46 -9.15 7.65
CA ARG C 100 -8.71 -9.41 9.05
C ARG C 100 -10.17 -9.13 9.39
N THR C 101 -10.94 -10.20 9.59
CA THR C 101 -12.38 -10.08 9.83
C THR C 101 -12.70 -9.73 11.28
N GLY C 102 -13.50 -8.69 11.47
CA GLY C 102 -13.99 -8.32 12.78
C GLY C 102 -15.37 -8.91 13.01
N LYS C 103 -15.83 -8.86 14.26
CA LYS C 103 -17.12 -9.43 14.63
C LYS C 103 -17.97 -8.39 15.36
N TYR C 104 -19.19 -8.20 14.87
CA TYR C 104 -20.11 -7.22 15.43
C TYR C 104 -21.48 -7.82 15.67
N TYR C 105 -22.13 -7.38 16.75
CA TYR C 105 -23.47 -7.83 17.08
C TYR C 105 -24.14 -6.90 18.09
N ASP C 106 -25.10 -6.11 17.61
CA ASP C 106 -25.89 -5.27 18.50
C ASP C 106 -26.85 -6.15 19.28
N PHE C 107 -26.88 -5.97 20.59
CA PHE C 107 -27.68 -6.83 21.45
C PHE C 107 -29.18 -6.62 21.28
N TRP C 108 -29.59 -5.36 21.11
CA TRP C 108 -31.01 -5.01 21.13
C TRP C 108 -31.68 -5.10 19.76
N SER C 109 -30.89 -5.02 18.70
CA SER C 109 -31.43 -5.00 17.34
C SER C 109 -30.76 -6.03 16.43
N GLY C 110 -29.57 -6.48 16.81
CA GLY C 110 -28.83 -7.44 16.01
C GLY C 110 -29.50 -8.80 16.01
N TYR C 111 -29.22 -9.60 14.98
CA TYR C 111 -29.79 -10.93 14.85
C TYR C 111 -28.66 -11.94 14.63
N PRO C 112 -28.68 -13.07 15.38
CA PRO C 112 -27.57 -14.03 15.27
C PRO C 112 -27.46 -14.65 13.88
N PRO C 113 -26.24 -15.02 13.46
CA PRO C 113 -24.98 -14.91 14.20
C PRO C 113 -24.34 -13.53 14.09
N GLY C 114 -25.16 -12.51 13.84
CA GLY C 114 -24.68 -11.14 13.71
C GLY C 114 -24.14 -10.88 12.32
N GLU C 115 -23.15 -9.98 12.25
CA GLU C 115 -22.52 -9.63 10.97
C GLU C 115 -21.01 -9.70 11.09
N GLU C 116 -20.35 -9.84 9.94
CA GLU C 116 -18.89 -9.86 9.87
C GLU C 116 -18.39 -8.72 9.01
N TYR C 117 -17.49 -7.92 9.57
CA TYR C 117 -16.88 -6.81 8.85
C TYR C 117 -15.38 -7.03 8.73
N PHE C 118 -14.76 -6.34 7.78
CA PHE C 118 -13.35 -6.55 7.46
C PHE C 118 -12.55 -5.27 7.72
N GLN C 119 -11.67 -5.34 8.72
CA GLN C 119 -10.95 -4.16 9.20
C GLN C 119 -9.73 -3.82 8.35
N ASP C 120 -8.88 -4.82 8.10
CA ASP C 120 -7.64 -4.60 7.36
C ASP C 120 -7.60 -5.44 6.09
N TRP C 121 -6.87 -4.94 5.09
CA TRP C 121 -6.77 -5.62 3.80
C TRP C 121 -5.31 -5.64 3.33
N GLY C 122 -5.05 -6.46 2.30
CA GLY C 122 -3.72 -6.56 1.72
C GLY C 122 -3.70 -6.10 0.28
N ARG C 123 -2.52 -6.11 -0.33
CA ARG C 123 -2.38 -5.71 -1.73
C ARG C 123 -2.96 -6.77 -2.67
N GLY C 124 -2.95 -8.02 -2.23
CA GLY C 124 -3.51 -9.11 -3.00
C GLY C 124 -2.58 -9.65 -4.07
N THR C 125 -2.81 -10.91 -4.46
CA THR C 125 -2.01 -11.57 -5.49
C THR C 125 -2.89 -12.01 -6.66
N LEU C 126 -2.34 -11.91 -7.87
CA LEU C 126 -3.11 -12.16 -9.09
C LEU C 126 -3.03 -13.61 -9.55
N VAL C 127 -4.19 -14.19 -9.83
CA VAL C 127 -4.30 -15.58 -10.30
C VAL C 127 -5.00 -15.64 -11.65
N THR C 128 -4.22 -15.82 -12.72
CA THR C 128 -4.74 -15.88 -14.08
C THR C 128 -4.96 -17.32 -14.52
N VAL C 129 -6.15 -17.61 -15.04
CA VAL C 129 -6.50 -18.95 -15.52
C VAL C 129 -6.84 -18.92 -17.00
N SER C 130 -5.96 -19.51 -17.81
CA SER C 130 -6.15 -19.57 -19.26
C SER C 130 -5.52 -20.82 -19.86
N SER C 131 -5.99 -21.20 -21.04
CA SER C 131 -5.46 -22.35 -21.76
C SER C 131 -4.48 -21.90 -22.85
N ALA C 132 -4.28 -20.60 -22.95
CA ALA C 132 -3.42 -20.04 -23.99
C ALA C 132 -1.95 -20.16 -23.63
N SER C 133 -1.13 -20.44 -24.65
CA SER C 133 0.32 -20.49 -24.49
C SER C 133 0.92 -19.15 -24.89
N THR C 134 2.22 -18.98 -24.62
CA THR C 134 2.92 -17.75 -24.98
C THR C 134 2.90 -17.53 -26.49
N LYS C 135 2.72 -16.28 -26.91
CA LYS C 135 2.71 -15.91 -28.32
C LYS C 135 3.31 -14.52 -28.51
N GLY C 136 3.99 -14.32 -29.63
CA GLY C 136 4.57 -13.03 -29.94
C GLY C 136 3.54 -12.08 -30.53
N PRO C 137 3.75 -10.76 -30.33
CA PRO C 137 2.81 -9.75 -30.84
C PRO C 137 2.97 -9.47 -32.33
N SER C 138 1.84 -9.36 -33.03
CA SER C 138 1.84 -8.95 -34.43
C SER C 138 1.63 -7.44 -34.52
N VAL C 139 2.68 -6.73 -34.90
CA VAL C 139 2.63 -5.26 -34.96
C VAL C 139 2.18 -4.79 -36.34
N PHE C 140 1.23 -3.86 -36.34
CA PHE C 140 0.74 -3.25 -37.58
C PHE C 140 0.74 -1.73 -37.43
N PRO C 141 1.15 -1.01 -38.48
CA PRO C 141 1.21 0.46 -38.37
C PRO C 141 -0.16 1.10 -38.59
N LEU C 142 -0.46 2.11 -37.79
CA LEU C 142 -1.68 2.90 -37.96
C LEU C 142 -1.34 4.19 -38.70
N ALA C 143 -1.20 4.08 -40.01
CA ALA C 143 -0.71 5.17 -40.85
C ALA C 143 -1.68 6.36 -40.85
N PRO C 144 -1.15 7.59 -40.74
CA PRO C 144 -2.01 8.78 -40.74
C PRO C 144 -2.54 9.10 -42.13
N SER C 145 -3.69 9.78 -42.19
CA SER C 145 -4.29 10.15 -43.46
C SER C 145 -5.36 11.22 -43.25
N SER C 146 -6.11 11.51 -44.32
CA SER C 146 -7.19 12.49 -44.24
C SER C 146 -8.28 12.02 -43.28
N LYS C 147 -8.40 10.71 -43.13
CA LYS C 147 -9.37 10.12 -42.22
C LYS C 147 -8.91 10.18 -40.76
N SER C 148 -7.64 10.50 -40.55
CA SER C 148 -7.06 10.51 -39.22
C SER C 148 -6.20 11.75 -38.97
N THR C 149 -6.68 12.89 -39.46
CA THR C 149 -5.98 14.16 -39.27
C THR C 149 -6.96 15.21 -38.77
N SER C 150 -6.45 16.24 -38.09
CA SER C 150 -7.27 17.30 -37.55
C SER C 150 -6.47 18.56 -37.31
N GLY C 151 -6.53 19.50 -38.25
CA GLY C 151 -5.79 20.75 -38.14
C GLY C 151 -4.31 20.51 -38.31
N GLY C 152 -3.50 21.36 -37.68
CA GLY C 152 -2.06 21.29 -37.79
C GLY C 152 -1.48 19.99 -37.24
N THR C 153 -2.25 19.32 -36.38
CA THR C 153 -1.80 18.09 -35.74
C THR C 153 -2.42 16.85 -36.39
N ALA C 154 -1.64 15.78 -36.45
CA ALA C 154 -2.08 14.52 -37.04
C ALA C 154 -1.83 13.36 -36.07
N ALA C 155 -2.53 12.25 -36.28
CA ALA C 155 -2.46 11.10 -35.39
C ALA C 155 -1.97 9.85 -36.12
N LEU C 156 -0.96 9.20 -35.54
CA LEU C 156 -0.43 7.95 -36.06
C LEU C 156 -0.01 7.05 -34.90
N GLY C 157 0.02 5.74 -35.14
CA GLY C 157 0.35 4.80 -34.08
C GLY C 157 0.61 3.38 -34.57
N CYS C 158 0.67 2.45 -33.60
CA CYS C 158 0.87 1.03 -33.89
C CYS C 158 -0.28 0.21 -33.33
N LEU C 159 -0.48 -0.98 -33.90
CA LEU C 159 -1.51 -1.90 -33.42
C LEU C 159 -0.89 -3.23 -33.01
N VAL C 160 -0.56 -3.35 -31.72
CA VAL C 160 -0.03 -4.60 -31.19
C VAL C 160 -1.18 -5.58 -31.00
N LYS C 161 -1.25 -6.58 -31.88
CA LYS C 161 -2.38 -7.50 -31.91
C LYS C 161 -1.97 -8.94 -31.61
N ASP C 162 -2.83 -9.64 -30.88
CA ASP C 162 -2.67 -11.06 -30.60
C ASP C 162 -1.32 -11.39 -29.96
N TYR C 163 -1.22 -11.11 -28.67
CA TYR C 163 -0.04 -11.48 -27.89
C TYR C 163 -0.47 -12.06 -26.54
N PHE C 164 0.41 -12.85 -25.93
CA PHE C 164 0.11 -13.45 -24.64
C PHE C 164 1.37 -14.02 -24.01
N PRO C 165 1.52 -13.89 -22.67
CA PRO C 165 0.69 -13.13 -21.74
C PRO C 165 1.14 -11.67 -21.63
N GLU C 166 0.51 -10.91 -20.75
CA GLU C 166 0.91 -9.53 -20.50
C GLU C 166 2.34 -9.49 -19.95
N PRO C 167 2.99 -8.32 -19.97
CA PRO C 167 2.58 -7.05 -20.57
C PRO C 167 3.40 -6.70 -21.81
N VAL C 168 3.02 -5.62 -22.50
CA VAL C 168 3.75 -5.15 -23.67
C VAL C 168 4.12 -3.68 -23.52
N THR C 169 5.42 -3.41 -23.50
CA THR C 169 5.91 -2.05 -23.37
C THR C 169 6.22 -1.45 -24.73
N VAL C 170 5.55 -0.34 -25.05
CA VAL C 170 5.73 0.33 -26.33
C VAL C 170 6.26 1.75 -26.13
N SER C 171 7.43 2.02 -26.71
CA SER C 171 7.99 3.36 -26.74
C SER C 171 8.11 3.82 -28.18
N TRP C 172 8.57 5.06 -28.38
CA TRP C 172 8.70 5.63 -29.71
C TRP C 172 10.04 6.32 -29.89
N ASN C 173 10.67 6.09 -31.03
CA ASN C 173 11.98 6.66 -31.33
C ASN C 173 12.99 6.40 -30.22
N SER C 174 13.04 5.15 -29.76
CA SER C 174 13.98 4.73 -28.73
C SER C 174 13.76 5.49 -27.42
N GLY C 175 12.51 5.85 -27.14
CA GLY C 175 12.15 6.51 -25.90
C GLY C 175 12.36 8.01 -25.92
N ALA C 176 12.93 8.52 -27.02
CA ALA C 176 13.15 9.95 -27.17
C ALA C 176 11.83 10.70 -27.19
N LEU C 177 10.82 10.09 -27.82
CA LEU C 177 9.49 10.68 -27.92
C LEU C 177 8.58 10.19 -26.79
N THR C 178 8.23 11.11 -25.89
CA THR C 178 7.39 10.78 -24.75
C THR C 178 6.21 11.74 -24.60
N SER C 179 6.34 12.93 -25.19
CA SER C 179 5.28 13.93 -25.10
C SER C 179 4.17 13.65 -26.09
N GLY C 180 2.93 13.71 -25.61
CA GLY C 180 1.77 13.48 -26.46
C GLY C 180 1.51 12.02 -26.75
N VAL C 181 2.40 11.15 -26.25
CA VAL C 181 2.27 9.73 -26.47
C VAL C 181 1.28 9.12 -25.47
N HIS C 182 0.38 8.29 -25.97
CA HIS C 182 -0.61 7.62 -25.13
C HIS C 182 -0.77 6.16 -25.51
N THR C 183 -0.40 5.28 -24.58
CA THR C 183 -0.50 3.84 -24.78
C THR C 183 -1.76 3.31 -24.10
N PHE C 184 -2.74 2.89 -24.90
CA PHE C 184 -4.01 2.41 -24.39
C PHE C 184 -3.87 1.06 -23.68
N PRO C 185 -4.81 0.76 -22.76
CA PRO C 185 -4.83 -0.55 -22.10
C PRO C 185 -5.20 -1.66 -23.06
N ALA C 186 -4.80 -2.89 -22.74
CA ALA C 186 -5.04 -4.03 -23.61
C ALA C 186 -6.45 -4.56 -23.44
N VAL C 187 -7.02 -5.08 -24.53
CA VAL C 187 -8.33 -5.70 -24.50
C VAL C 187 -8.18 -7.21 -24.62
N LEU C 188 -8.97 -7.95 -23.85
CA LEU C 188 -8.93 -9.41 -23.89
C LEU C 188 -9.98 -9.95 -24.85
N GLN C 189 -9.52 -10.46 -25.99
CA GLN C 189 -10.41 -11.00 -27.00
C GLN C 189 -11.04 -12.31 -26.53
N SER C 190 -12.08 -12.76 -27.23
CA SER C 190 -12.73 -14.01 -26.91
C SER C 190 -11.81 -15.19 -27.21
N SER C 191 -10.80 -14.94 -28.02
CA SER C 191 -9.83 -15.97 -28.39
C SER C 191 -8.84 -16.23 -27.25
N GLY C 192 -8.75 -15.28 -26.32
CA GLY C 192 -7.85 -15.40 -25.18
C GLY C 192 -6.51 -14.74 -25.42
N LEU C 193 -6.44 -13.86 -26.41
CA LEU C 193 -5.22 -13.14 -26.73
C LEU C 193 -5.41 -11.64 -26.51
N TYR C 194 -4.36 -10.97 -26.03
CA TYR C 194 -4.43 -9.55 -25.74
C TYR C 194 -4.07 -8.70 -26.95
N SER C 195 -4.54 -7.45 -26.93
CA SER C 195 -4.27 -6.50 -28.00
C SER C 195 -4.46 -5.08 -27.49
N LEU C 196 -3.53 -4.20 -27.83
CA LEU C 196 -3.62 -2.79 -27.43
C LEU C 196 -3.22 -1.89 -28.58
N SER C 197 -3.17 -0.59 -28.32
CA SER C 197 -2.79 0.39 -29.32
C SER C 197 -1.98 1.52 -28.69
N SER C 198 -0.91 1.92 -29.37
CA SER C 198 -0.07 3.03 -28.92
C SER C 198 -0.12 4.14 -29.95
N VAL C 199 -0.74 5.26 -29.58
CA VAL C 199 -0.93 6.39 -30.48
C VAL C 199 -0.09 7.58 -30.03
N VAL C 200 0.22 8.46 -30.98
CA VAL C 200 0.97 9.67 -30.68
C VAL C 200 0.57 10.78 -31.64
N THR C 201 0.39 11.99 -31.10
CA THR C 201 0.00 13.15 -31.88
C THR C 201 1.22 13.97 -32.28
N VAL C 202 1.28 14.38 -33.55
CA VAL C 202 2.42 15.14 -34.06
C VAL C 202 1.98 16.17 -35.10
N PRO C 203 2.79 17.22 -35.32
CA PRO C 203 2.53 18.17 -36.40
C PRO C 203 2.54 17.48 -37.76
N SER C 204 1.69 17.95 -38.68
CA SER C 204 1.61 17.34 -40.01
C SER C 204 2.81 17.69 -40.88
N SER C 205 3.50 18.77 -40.54
CA SER C 205 4.64 19.26 -41.33
C SER C 205 5.96 18.66 -40.88
N SER C 206 5.90 17.51 -40.21
CA SER C 206 7.10 16.85 -39.69
C SER C 206 7.23 15.42 -40.20
N LEU C 207 6.32 15.02 -41.09
CA LEU C 207 6.32 13.67 -41.63
C LEU C 207 7.42 13.50 -42.67
N GLY C 208 7.86 14.61 -43.26
CA GLY C 208 8.90 14.59 -44.27
C GLY C 208 10.28 14.77 -43.68
N THR C 209 10.34 15.47 -42.55
CA THR C 209 11.62 15.78 -41.91
C THR C 209 11.97 14.75 -40.85
N GLN C 210 10.97 14.36 -40.05
CA GLN C 210 11.17 13.42 -38.95
C GLN C 210 10.48 12.09 -39.25
N THR C 211 11.18 10.99 -38.95
CA THR C 211 10.63 9.65 -39.11
C THR C 211 10.14 9.13 -37.77
N TYR C 212 9.10 8.30 -37.79
CA TYR C 212 8.49 7.80 -36.56
C TYR C 212 8.48 6.27 -36.52
N ILE C 213 9.07 5.74 -35.46
CA ILE C 213 9.18 4.29 -35.27
C ILE C 213 8.79 3.91 -33.84
N CYS C 214 7.87 2.96 -33.71
CA CYS C 214 7.45 2.45 -32.41
C CYS C 214 8.30 1.24 -32.02
N ASN C 215 8.66 1.16 -30.74
CA ASN C 215 9.48 0.07 -30.22
C ASN C 215 8.68 -0.83 -29.30
N VAL C 216 8.14 -1.90 -29.86
CA VAL C 216 7.33 -2.85 -29.10
C VAL C 216 8.20 -3.94 -28.50
N ASN C 217 7.98 -4.22 -27.21
CA ASN C 217 8.71 -5.26 -26.51
C ASN C 217 7.78 -6.16 -25.71
N HIS C 218 7.90 -7.46 -25.92
CA HIS C 218 7.07 -8.45 -25.24
C HIS C 218 7.98 -9.54 -24.67
N LYS C 219 8.44 -9.30 -23.45
CA LYS C 219 9.43 -10.14 -22.79
C LYS C 219 8.95 -11.58 -22.52
N PRO C 220 7.66 -11.77 -22.22
CA PRO C 220 7.16 -13.14 -22.04
C PRO C 220 7.42 -14.04 -23.25
N SER C 221 7.46 -13.46 -24.44
CA SER C 221 7.68 -14.23 -25.67
C SER C 221 9.05 -13.91 -26.28
N ASN C 222 9.82 -13.07 -25.58
CA ASN C 222 11.17 -12.70 -26.03
C ASN C 222 11.16 -12.09 -27.44
N THR C 223 10.34 -11.06 -27.63
CA THR C 223 10.17 -10.45 -28.94
C THR C 223 10.27 -8.93 -28.87
N LYS C 224 11.22 -8.37 -29.62
CA LYS C 224 11.35 -6.92 -29.79
C LYS C 224 11.07 -6.57 -31.24
N VAL C 225 10.14 -5.65 -31.47
CA VAL C 225 9.75 -5.24 -32.81
C VAL C 225 9.86 -3.73 -32.98
N ASP C 226 10.63 -3.31 -33.97
CA ASP C 226 10.75 -1.91 -34.34
C ASP C 226 10.05 -1.65 -35.67
N LYS C 227 8.88 -1.01 -35.60
CA LYS C 227 8.04 -0.79 -36.77
C LYS C 227 7.92 0.69 -37.12
N ARG C 228 8.28 1.03 -38.36
CA ARG C 228 8.19 2.40 -38.85
C ARG C 228 6.82 2.64 -39.47
N VAL C 229 6.18 3.73 -39.04
CA VAL C 229 4.85 4.10 -39.56
C VAL C 229 4.97 5.24 -40.55
N GLU C 230 4.51 5.00 -41.78
CA GLU C 230 4.56 6.01 -42.84
C GLU C 230 3.16 6.32 -43.38
N PRO C 231 2.93 7.56 -43.83
CA PRO C 231 1.64 7.91 -44.42
C PRO C 231 1.30 7.11 -45.68
N LYS C 232 0.03 7.09 -46.06
CA LYS C 232 -0.41 6.38 -47.25
C LYS C 232 0.05 7.08 -48.52
N GLU D 3 -29.13 -11.28 -5.18
CA GLU D 3 -28.42 -11.29 -3.90
C GLU D 3 -28.64 -9.95 -3.20
N LEU D 4 -27.59 -9.14 -3.06
CA LEU D 4 -27.71 -7.78 -2.52
C LEU D 4 -27.51 -6.76 -3.62
N THR D 5 -28.46 -5.83 -3.73
CA THR D 5 -28.47 -4.86 -4.84
C THR D 5 -28.10 -3.45 -4.40
N GLN D 6 -27.26 -2.81 -5.21
CA GLN D 6 -26.88 -1.41 -5.03
C GLN D 6 -27.16 -0.64 -6.31
N GLU D 7 -26.87 0.66 -6.29
CA GLU D 7 -26.98 1.47 -7.51
C GLU D 7 -25.82 1.16 -8.45
N THR D 8 -26.10 1.19 -9.75
CA THR D 8 -25.08 0.92 -10.75
C THR D 8 -24.04 2.03 -10.78
N GLY D 9 -24.49 3.27 -10.77
CA GLY D 9 -23.61 4.42 -10.81
C GLY D 9 -24.31 5.68 -10.36
N VAL D 10 -23.68 6.41 -9.45
CA VAL D 10 -24.22 7.67 -8.93
C VAL D 10 -23.16 8.77 -9.02
N SER D 11 -23.58 9.95 -9.45
CA SER D 11 -22.69 11.10 -9.54
C SER D 11 -23.09 12.17 -8.53
N VAL D 12 -22.13 12.99 -8.13
CA VAL D 12 -22.39 14.05 -7.16
C VAL D 12 -21.40 15.20 -7.36
N ALA D 13 -21.87 16.42 -7.13
CA ALA D 13 -21.04 17.60 -7.26
C ALA D 13 -20.03 17.68 -6.11
N LEU D 14 -19.04 18.55 -6.25
CA LEU D 14 -18.02 18.71 -5.22
C LEU D 14 -18.55 19.54 -4.07
N GLY D 15 -18.51 18.95 -2.87
CA GLY D 15 -18.92 19.66 -1.66
C GLY D 15 -20.40 19.57 -1.36
N ARG D 16 -21.08 18.59 -1.97
CA ARG D 16 -22.51 18.37 -1.73
C ARG D 16 -22.76 16.98 -1.13
N THR D 17 -23.98 16.77 -0.65
CA THR D 17 -24.36 15.52 -0.01
C THR D 17 -24.94 14.52 -1.02
N VAL D 18 -24.60 13.26 -0.85
CA VAL D 18 -25.14 12.18 -1.68
C VAL D 18 -25.37 10.94 -0.81
N THR D 19 -26.37 10.14 -1.17
CA THR D 19 -26.72 8.96 -0.40
C THR D 19 -26.95 7.75 -1.31
N ILE D 20 -26.08 6.75 -1.16
CA ILE D 20 -26.23 5.48 -1.85
C ILE D 20 -26.93 4.49 -0.93
N THR D 21 -27.65 3.53 -1.50
CA THR D 21 -28.45 2.58 -0.72
C THR D 21 -28.11 1.13 -1.07
N CYS D 22 -28.41 0.23 -0.14
CA CYS D 22 -28.21 -1.20 -0.34
C CYS D 22 -29.44 -1.96 0.14
N ARG D 23 -30.05 -2.73 -0.77
CA ARG D 23 -31.31 -3.42 -0.48
C ARG D 23 -31.13 -4.93 -0.42
N GLY D 24 -31.80 -5.55 0.54
CA GLY D 24 -31.73 -7.00 0.72
C GLY D 24 -32.63 -7.47 1.84
N ASP D 25 -33.14 -8.70 1.72
CA ASP D 25 -34.04 -9.26 2.72
C ASP D 25 -33.32 -9.50 4.04
N SER D 26 -32.06 -9.89 3.96
CA SER D 26 -31.27 -10.15 5.16
C SER D 26 -30.94 -8.86 5.91
N LEU D 27 -31.03 -7.73 5.21
CA LEU D 27 -30.75 -6.44 5.82
C LEU D 27 -31.83 -6.05 6.83
N ARG D 28 -32.99 -6.68 6.73
CA ARG D 28 -34.07 -6.44 7.69
C ARG D 28 -33.65 -6.93 9.07
N SER D 29 -32.82 -7.97 9.10
CA SER D 29 -32.40 -8.61 10.35
C SER D 29 -30.96 -8.30 10.69
N HIS D 30 -30.17 -7.96 9.67
CA HIS D 30 -28.74 -7.72 9.84
C HIS D 30 -28.35 -6.32 9.38
N TYR D 31 -27.30 -5.77 9.98
CA TYR D 31 -26.76 -4.48 9.56
C TYR D 31 -25.89 -4.67 8.32
N ALA D 32 -25.31 -3.57 7.84
CA ALA D 32 -24.47 -3.61 6.66
C ALA D 32 -23.21 -2.78 6.86
N SER D 33 -22.08 -3.30 6.38
CA SER D 33 -20.80 -2.61 6.45
C SER D 33 -20.37 -2.12 5.07
N TRP D 34 -19.92 -0.88 5.01
CA TRP D 34 -19.54 -0.25 3.75
C TRP D 34 -18.02 -0.24 3.57
N TYR D 35 -17.57 -0.29 2.32
CA TYR D 35 -16.14 -0.29 2.00
C TYR D 35 -15.84 0.56 0.78
N GLN D 36 -14.72 1.27 0.83
CA GLN D 36 -14.27 2.09 -0.30
C GLN D 36 -13.25 1.30 -1.12
N LYS D 37 -13.46 1.26 -2.44
CA LYS D 37 -12.58 0.51 -3.33
C LYS D 37 -12.09 1.37 -4.50
N LYS D 38 -10.78 1.54 -4.59
CA LYS D 38 -10.16 2.23 -5.71
C LYS D 38 -9.38 1.23 -6.57
N PRO D 39 -9.33 1.46 -7.89
CA PRO D 39 -8.62 0.53 -8.78
C PRO D 39 -7.15 0.34 -8.40
N GLY D 40 -6.75 -0.91 -8.21
CA GLY D 40 -5.36 -1.23 -7.91
C GLY D 40 -4.97 -0.91 -6.47
N GLN D 41 -5.97 -0.75 -5.61
CA GLN D 41 -5.73 -0.44 -4.21
C GLN D 41 -6.62 -1.31 -3.32
N ALA D 42 -6.18 -1.54 -2.09
CA ALA D 42 -6.91 -2.39 -1.16
C ALA D 42 -8.18 -1.68 -0.65
N PRO D 43 -9.24 -2.45 -0.38
CA PRO D 43 -10.46 -1.84 0.18
C PRO D 43 -10.24 -1.21 1.56
N ILE D 44 -11.16 -0.33 1.96
CA ILE D 44 -11.07 0.32 3.27
C ILE D 44 -12.44 0.34 3.95
N LEU D 45 -12.48 -0.12 5.20
CA LEU D 45 -13.72 -0.10 5.97
C LEU D 45 -14.09 1.32 6.35
N LEU D 46 -15.28 1.74 5.97
CA LEU D 46 -15.76 3.10 6.21
C LEU D 46 -16.71 3.16 7.40
N PHE D 47 -17.60 2.18 7.48
CA PHE D 47 -18.65 2.20 8.49
C PHE D 47 -19.23 0.79 8.66
N TYR D 48 -19.76 0.52 9.85
CA TYR D 48 -20.34 -0.78 10.15
C TYR D 48 -21.29 -0.71 11.34
N GLY D 49 -22.17 -1.69 11.45
CA GLY D 49 -23.08 -1.79 12.56
C GLY D 49 -24.09 -0.65 12.60
N LYS D 50 -24.55 -0.32 13.80
CA LYS D 50 -25.56 0.72 13.97
C LYS D 50 -24.97 2.11 13.79
N ASN D 51 -23.92 2.42 14.54
CA ASN D 51 -23.30 3.74 14.50
C ASN D 51 -21.82 3.70 14.88
N ASN D 52 -21.05 2.89 14.16
CA ASN D 52 -19.62 2.73 14.40
C ASN D 52 -18.77 3.15 13.21
N ARG D 53 -18.02 4.23 13.38
CA ARG D 53 -17.08 4.70 12.35
C ARG D 53 -15.64 4.45 12.81
N PRO D 54 -14.90 3.60 12.08
CA PRO D 54 -13.49 3.37 12.44
C PRO D 54 -12.66 4.64 12.45
N SER D 55 -11.60 4.66 13.26
CA SER D 55 -10.69 5.80 13.32
C SER D 55 -9.94 5.94 12.00
N GLY D 56 -9.70 7.18 11.58
CA GLY D 56 -9.05 7.45 10.32
C GLY D 56 -10.05 7.82 9.24
N VAL D 57 -11.28 7.34 9.40
CA VAL D 57 -12.35 7.66 8.46
C VAL D 57 -12.94 9.03 8.81
N PRO D 58 -13.03 9.93 7.82
CA PRO D 58 -13.57 11.26 8.12
C PRO D 58 -15.04 11.21 8.53
N ASP D 59 -15.47 12.23 9.27
CA ASP D 59 -16.81 12.24 9.86
C ASP D 59 -17.91 12.56 8.86
N ARG D 60 -17.55 12.78 7.60
CA ARG D 60 -18.54 13.09 6.57
C ARG D 60 -19.26 11.82 6.13
N PHE D 61 -18.66 10.66 6.41
CA PHE D 61 -19.28 9.38 6.10
C PHE D 61 -20.15 8.90 7.26
N SER D 62 -21.43 8.64 6.98
CA SER D 62 -22.37 8.18 8.00
C SER D 62 -23.40 7.24 7.39
N GLY D 63 -23.74 6.18 8.14
CA GLY D 63 -24.67 5.18 7.68
C GLY D 63 -25.96 5.16 8.46
N SER D 64 -27.00 4.56 7.86
CA SER D 64 -28.30 4.40 8.52
C SER D 64 -28.97 3.13 8.00
N ALA D 65 -30.11 2.79 8.60
CA ALA D 65 -30.83 1.58 8.21
C ALA D 65 -32.32 1.72 8.48
N SER D 66 -33.14 1.27 7.54
CA SER D 66 -34.59 1.33 7.66
C SER D 66 -35.24 0.30 6.75
N GLY D 67 -35.99 -0.62 7.35
CA GLY D 67 -36.63 -1.67 6.59
C GLY D 67 -35.61 -2.63 6.01
N ASN D 68 -35.66 -2.81 4.70
CA ASN D 68 -34.74 -3.71 4.00
C ASN D 68 -33.61 -2.94 3.31
N ARG D 69 -33.44 -1.67 3.67
CA ARG D 69 -32.45 -0.81 3.04
C ARG D 69 -31.41 -0.26 4.02
N ALA D 70 -30.16 -0.25 3.57
CA ALA D 70 -29.06 0.35 4.31
C ALA D 70 -28.42 1.42 3.44
N SER D 71 -28.24 2.61 4.00
CA SER D 71 -27.78 3.76 3.22
C SER D 71 -26.48 4.33 3.77
N LEU D 72 -25.66 4.85 2.86
CA LEU D 72 -24.42 5.55 3.23
C LEU D 72 -24.46 6.98 2.71
N THR D 73 -24.47 7.93 3.64
CA THR D 73 -24.53 9.35 3.30
C THR D 73 -23.16 9.98 3.40
N ILE D 74 -22.82 10.79 2.39
CA ILE D 74 -21.53 11.48 2.33
C ILE D 74 -21.76 12.99 2.23
N SER D 75 -21.89 13.65 3.38
CA SER D 75 -22.11 15.10 3.40
C SER D 75 -20.84 15.83 2.98
N GLY D 76 -20.92 16.55 1.87
CA GLY D 76 -19.79 17.30 1.36
C GLY D 76 -18.68 16.40 0.85
N ALA D 77 -19.01 15.58 -0.15
CA ALA D 77 -18.03 14.65 -0.72
C ALA D 77 -16.88 15.40 -1.38
N GLN D 78 -15.66 14.97 -1.06
CA GLN D 78 -14.46 15.59 -1.63
C GLN D 78 -14.02 14.85 -2.89
N ALA D 79 -13.03 15.42 -3.58
CA ALA D 79 -12.58 14.90 -4.87
C ALA D 79 -12.02 13.48 -4.77
N GLU D 80 -11.32 13.19 -3.67
CA GLU D 80 -10.66 11.90 -3.53
C GLU D 80 -11.64 10.78 -3.18
N ASP D 81 -12.91 11.12 -3.04
CA ASP D 81 -13.94 10.12 -2.74
C ASP D 81 -14.38 9.39 -4.01
N ASP D 82 -13.89 9.83 -5.16
CA ASP D 82 -14.21 9.19 -6.43
C ASP D 82 -13.68 7.76 -6.45
N ALA D 83 -14.54 6.81 -6.14
CA ALA D 83 -14.14 5.41 -6.06
C ALA D 83 -15.36 4.50 -6.13
N GLU D 84 -15.12 3.20 -5.93
CA GLU D 84 -16.19 2.21 -5.93
C GLU D 84 -16.53 1.84 -4.49
N TYR D 85 -17.81 1.55 -4.24
CA TYR D 85 -18.28 1.25 -2.90
C TYR D 85 -19.13 -0.02 -2.84
N TYR D 86 -18.92 -0.82 -1.80
CA TYR D 86 -19.61 -2.09 -1.65
C TYR D 86 -20.17 -2.27 -0.23
N CYS D 87 -21.38 -2.82 -0.14
CA CYS D 87 -22.00 -3.13 1.15
C CYS D 87 -21.95 -4.62 1.42
N SER D 88 -21.65 -4.98 2.67
CA SER D 88 -21.50 -6.39 3.07
C SER D 88 -22.44 -6.76 4.20
N SER D 89 -23.06 -7.93 4.07
CA SER D 89 -23.97 -8.45 5.10
C SER D 89 -24.20 -9.94 4.88
N ARG D 90 -25.10 -10.52 5.64
CA ARG D 90 -25.42 -11.94 5.51
C ARG D 90 -26.24 -12.18 4.24
N ASP D 91 -26.07 -13.35 3.65
CA ASP D 91 -26.81 -13.72 2.45
C ASP D 91 -28.29 -13.89 2.82
N LYS D 92 -28.55 -14.59 3.91
CA LYS D 92 -29.90 -14.81 4.41
C LYS D 92 -29.99 -14.46 5.88
N SER D 93 -31.21 -14.29 6.38
CA SER D 93 -31.43 -14.00 7.79
C SER D 93 -31.12 -15.23 8.64
N GLY D 94 -30.04 -15.14 9.41
CA GLY D 94 -29.65 -16.22 10.30
C GLY D 94 -28.64 -17.16 9.67
N SER D 95 -28.03 -16.71 8.57
CA SER D 95 -27.02 -17.49 7.87
C SER D 95 -25.63 -17.14 8.39
N ARG D 96 -24.70 -18.07 8.26
CA ARG D 96 -23.32 -17.86 8.70
C ARG D 96 -22.43 -17.32 7.57
N LEU D 97 -22.99 -17.22 6.37
CA LEU D 97 -22.24 -16.75 5.21
C LEU D 97 -22.37 -15.24 5.04
N SER D 98 -21.33 -14.63 4.48
CA SER D 98 -21.34 -13.20 4.17
C SER D 98 -21.30 -13.01 2.66
N VAL D 99 -21.72 -11.83 2.19
CA VAL D 99 -21.74 -11.54 0.77
C VAL D 99 -21.76 -10.04 0.51
N PHE D 100 -21.21 -9.63 -0.62
CA PHE D 100 -21.16 -8.21 -0.99
C PHE D 100 -22.32 -7.84 -1.91
N GLY D 101 -22.41 -6.55 -2.24
CA GLY D 101 -23.45 -6.04 -3.11
C GLY D 101 -22.96 -5.85 -4.53
N GLY D 102 -23.84 -5.36 -5.40
CA GLY D 102 -23.52 -5.17 -6.80
C GLY D 102 -22.43 -4.14 -7.04
N GLY D 103 -22.20 -3.27 -6.04
CA GLY D 103 -21.18 -2.25 -6.14
C GLY D 103 -21.69 -0.99 -6.81
N THR D 104 -21.23 0.16 -6.32
CA THR D 104 -21.64 1.46 -6.86
C THR D 104 -20.42 2.31 -7.19
N LYS D 105 -20.39 2.86 -8.39
CA LYS D 105 -19.32 3.76 -8.81
C LYS D 105 -19.71 5.20 -8.54
N LEU D 106 -19.04 5.82 -7.57
CA LEU D 106 -19.30 7.21 -7.23
C LEU D 106 -18.42 8.16 -8.06
N THR D 107 -19.06 9.03 -8.82
CA THR D 107 -18.35 9.99 -9.68
C THR D 107 -18.34 11.38 -9.07
N VAL D 108 -17.21 11.78 -8.50
CA VAL D 108 -17.05 13.14 -7.96
C VAL D 108 -16.42 14.04 -9.00
N LEU D 109 -17.19 15.04 -9.44
CA LEU D 109 -16.78 15.93 -10.53
C LEU D 109 -15.95 17.14 -10.08
N SER D 110 -14.62 16.97 -10.08
CA SER D 110 -13.73 18.08 -9.76
C SER D 110 -13.37 18.88 -11.01
N GLN D 111 -13.42 18.22 -12.16
CA GLN D 111 -13.08 18.83 -13.44
C GLN D 111 -14.31 19.27 -14.22
N PRO D 112 -14.14 20.16 -15.20
CA PRO D 112 -15.24 20.45 -16.12
C PRO D 112 -15.31 19.39 -17.22
N LYS D 113 -16.52 18.88 -17.51
CA LYS D 113 -16.68 17.81 -18.50
C LYS D 113 -16.14 18.17 -19.88
N ALA D 114 -15.32 17.27 -20.43
CA ALA D 114 -14.67 17.47 -21.72
C ALA D 114 -15.21 16.50 -22.76
N ALA D 115 -15.28 16.95 -24.01
CA ALA D 115 -15.76 16.12 -25.10
C ALA D 115 -14.70 15.09 -25.48
N PRO D 116 -15.12 13.87 -25.85
CA PRO D 116 -14.16 12.83 -26.20
C PRO D 116 -13.48 13.06 -27.55
N SER D 117 -12.20 12.72 -27.62
CA SER D 117 -11.44 12.84 -28.85
C SER D 117 -11.40 11.49 -29.55
N VAL D 118 -12.14 11.38 -30.65
CA VAL D 118 -12.31 10.11 -31.35
C VAL D 118 -11.47 10.05 -32.62
N THR D 119 -10.86 8.89 -32.86
CA THR D 119 -10.10 8.64 -34.08
C THR D 119 -10.31 7.20 -34.54
N LEU D 120 -10.66 7.04 -35.82
CA LEU D 120 -10.93 5.72 -36.40
C LEU D 120 -9.89 5.34 -37.44
N PHE D 121 -9.25 4.20 -37.24
CA PHE D 121 -8.21 3.71 -38.14
C PHE D 121 -8.70 2.51 -38.95
N PRO D 122 -8.65 2.60 -40.29
CA PRO D 122 -9.04 1.43 -41.09
C PRO D 122 -7.98 0.33 -41.06
N PRO D 123 -8.33 -0.89 -41.48
CA PRO D 123 -7.37 -1.99 -41.50
C PRO D 123 -6.17 -1.69 -42.38
N SER D 124 -4.97 -1.74 -41.81
CA SER D 124 -3.76 -1.48 -42.58
C SER D 124 -3.57 -2.55 -43.64
N SER D 125 -2.96 -2.16 -44.76
CA SER D 125 -2.73 -3.07 -45.88
C SER D 125 -1.86 -4.25 -45.44
N GLU D 126 -1.04 -4.03 -44.42
CA GLU D 126 -0.17 -5.07 -43.91
C GLU D 126 -1.00 -6.14 -43.19
N GLU D 127 -2.08 -5.72 -42.55
CA GLU D 127 -2.98 -6.63 -41.86
C GLU D 127 -3.84 -7.40 -42.85
N LEU D 128 -4.23 -6.72 -43.94
CA LEU D 128 -5.11 -7.31 -44.94
C LEU D 128 -4.43 -8.48 -45.66
N GLN D 129 -3.10 -8.41 -45.77
CA GLN D 129 -2.35 -9.49 -46.39
C GLN D 129 -2.34 -10.72 -45.50
N ALA D 130 -2.66 -10.54 -44.22
CA ALA D 130 -2.75 -11.63 -43.26
C ALA D 130 -4.17 -12.16 -43.15
N ASN D 131 -5.01 -11.83 -44.14
CA ASN D 131 -6.39 -12.27 -44.17
C ASN D 131 -7.16 -11.84 -42.92
N LYS D 132 -6.85 -10.65 -42.42
CA LYS D 132 -7.51 -10.08 -41.26
C LYS D 132 -7.76 -8.59 -41.44
N ALA D 133 -8.76 -8.06 -40.73
CA ALA D 133 -9.09 -6.64 -40.80
C ALA D 133 -9.70 -6.17 -39.49
N THR D 134 -8.97 -5.32 -38.77
CA THR D 134 -9.40 -4.83 -37.47
C THR D 134 -9.51 -3.31 -37.46
N LEU D 135 -10.73 -2.81 -37.25
CA LEU D 135 -11.00 -1.38 -37.13
C LEU D 135 -10.72 -0.91 -35.71
N VAL D 136 -9.82 0.07 -35.58
CA VAL D 136 -9.41 0.58 -34.28
C VAL D 136 -10.05 1.94 -34.00
N CYS D 137 -10.89 1.99 -32.96
CA CYS D 137 -11.55 3.21 -32.54
C CYS D 137 -11.02 3.67 -31.19
N LEU D 138 -10.24 4.74 -31.21
CA LEU D 138 -9.60 5.26 -29.99
C LEU D 138 -10.32 6.49 -29.45
N ILE D 139 -10.51 6.51 -28.13
CA ILE D 139 -11.19 7.61 -27.45
C ILE D 139 -10.33 8.11 -26.30
N SER D 140 -10.27 9.43 -26.12
CA SER D 140 -9.42 10.00 -25.08
C SER D 140 -9.87 11.41 -24.65
N ASP D 141 -9.40 11.83 -23.48
CA ASP D 141 -9.62 13.18 -22.97
C ASP D 141 -11.11 13.50 -22.80
N PHE D 142 -11.82 12.62 -22.10
CA PHE D 142 -13.22 12.87 -21.76
C PHE D 142 -13.46 12.65 -20.27
N TYR D 143 -14.51 13.28 -19.76
CA TYR D 143 -14.84 13.16 -18.34
C TYR D 143 -16.35 13.36 -18.15
N PRO D 144 -17.00 12.50 -17.33
CA PRO D 144 -16.45 11.36 -16.60
C PRO D 144 -16.29 10.11 -17.46
N GLY D 145 -15.66 9.08 -16.90
CA GLY D 145 -15.41 7.85 -17.63
C GLY D 145 -16.67 7.02 -17.82
N ALA D 146 -17.52 7.45 -18.74
CA ALA D 146 -18.75 6.74 -19.04
C ALA D 146 -19.19 7.03 -20.47
N VAL D 147 -18.78 6.15 -21.40
CA VAL D 147 -19.07 6.34 -22.82
C VAL D 147 -19.74 5.12 -23.42
N THR D 148 -20.53 5.34 -24.47
CA THR D 148 -21.21 4.27 -25.19
C THR D 148 -20.73 4.25 -26.64
N VAL D 149 -20.12 3.13 -27.03
CA VAL D 149 -19.59 2.98 -28.38
C VAL D 149 -20.44 2.02 -29.20
N ALA D 150 -20.76 2.44 -30.43
CA ALA D 150 -21.55 1.62 -31.34
C ALA D 150 -20.91 1.58 -32.73
N TRP D 151 -21.01 0.43 -33.39
CA TRP D 151 -20.44 0.23 -34.71
C TRP D 151 -21.53 0.06 -35.76
N LYS D 152 -21.27 0.54 -36.98
CA LYS D 152 -22.22 0.45 -38.07
C LYS D 152 -21.57 -0.03 -39.36
N ALA D 153 -22.23 -0.97 -40.03
CA ALA D 153 -21.88 -1.34 -41.40
C ALA D 153 -22.89 -0.68 -42.33
N ASP D 154 -22.42 0.25 -43.15
CA ASP D 154 -23.30 1.13 -43.91
C ASP D 154 -24.23 1.83 -42.93
N SER D 155 -25.54 1.63 -43.07
CA SER D 155 -26.52 2.18 -42.14
C SER D 155 -26.96 1.15 -41.10
N SER D 156 -26.43 -0.06 -41.21
CA SER D 156 -26.87 -1.17 -40.36
C SER D 156 -25.96 -1.32 -39.13
N PRO D 157 -26.57 -1.43 -37.93
CA PRO D 157 -25.73 -1.60 -36.74
C PRO D 157 -24.96 -2.92 -36.77
N VAL D 158 -23.73 -2.92 -36.26
CA VAL D 158 -22.92 -4.13 -36.20
C VAL D 158 -23.09 -4.82 -34.86
N LYS D 159 -23.45 -6.11 -34.90
CA LYS D 159 -23.71 -6.87 -33.70
C LYS D 159 -22.43 -7.47 -33.12
N ALA D 160 -21.92 -8.52 -33.76
CA ALA D 160 -20.75 -9.23 -33.25
C ALA D 160 -19.45 -8.71 -33.85
N GLY D 161 -18.34 -9.12 -33.25
CA GLY D 161 -17.02 -8.73 -33.71
C GLY D 161 -16.50 -7.51 -32.98
N VAL D 162 -17.32 -6.97 -32.07
CA VAL D 162 -16.98 -5.75 -31.34
C VAL D 162 -16.42 -6.06 -29.96
N GLU D 163 -15.29 -5.44 -29.63
CA GLU D 163 -14.70 -5.56 -28.30
C GLU D 163 -14.20 -4.21 -27.80
N THR D 164 -14.67 -3.80 -26.63
CA THR D 164 -14.35 -2.50 -26.07
C THR D 164 -13.78 -2.62 -24.66
N THR D 165 -12.80 -1.77 -24.34
CA THR D 165 -12.18 -1.76 -23.02
C THR D 165 -12.97 -0.86 -22.06
N THR D 166 -12.67 -0.99 -20.77
CA THR D 166 -13.28 -0.13 -19.76
C THR D 166 -12.46 1.16 -19.64
N PRO D 167 -13.14 2.32 -19.55
CA PRO D 167 -12.44 3.60 -19.43
C PRO D 167 -11.43 3.65 -18.29
N SER D 168 -10.19 4.06 -18.60
CA SER D 168 -9.12 4.12 -17.62
C SER D 168 -8.59 5.53 -17.44
N LYS D 169 -8.02 5.81 -16.28
CA LYS D 169 -7.46 7.13 -15.96
C LYS D 169 -6.24 7.48 -16.81
N GLN D 170 -6.20 8.72 -17.28
CA GLN D 170 -5.05 9.24 -18.01
C GLN D 170 -4.05 9.87 -17.04
N SER D 171 -3.08 10.59 -17.58
CA SER D 171 -2.12 11.33 -16.77
C SER D 171 -2.77 12.57 -16.17
N ASN D 172 -3.63 13.21 -16.95
CA ASN D 172 -4.32 14.42 -16.52
C ASN D 172 -5.68 14.11 -15.88
N ASN D 173 -5.78 12.93 -15.27
CA ASN D 173 -6.99 12.50 -14.57
C ASN D 173 -8.23 12.45 -15.47
N LYS D 174 -8.03 12.49 -16.78
CA LYS D 174 -9.12 12.28 -17.74
C LYS D 174 -9.22 10.79 -18.04
N TYR D 175 -10.23 10.41 -18.82
CA TYR D 175 -10.48 9.01 -19.12
C TYR D 175 -10.18 8.67 -20.58
N ALA D 176 -9.89 7.40 -20.84
CA ALA D 176 -9.60 6.93 -22.19
C ALA D 176 -10.05 5.48 -22.36
N ALA D 177 -10.57 5.17 -23.54
CA ALA D 177 -11.01 3.82 -23.86
C ALA D 177 -10.68 3.49 -25.32
N SER D 178 -10.87 2.24 -25.70
CA SER D 178 -10.62 1.80 -27.07
C SER D 178 -11.54 0.66 -27.48
N SER D 179 -12.11 0.77 -28.68
CA SER D 179 -13.00 -0.27 -29.22
C SER D 179 -12.42 -0.85 -30.50
N TYR D 180 -12.59 -2.15 -30.68
CA TYR D 180 -12.09 -2.84 -31.87
C TYR D 180 -13.20 -3.62 -32.56
N LEU D 181 -13.19 -3.59 -33.90
CA LEU D 181 -14.14 -4.34 -34.70
C LEU D 181 -13.41 -5.27 -35.67
N SER D 182 -13.38 -6.55 -35.34
CA SER D 182 -12.70 -7.54 -36.17
C SER D 182 -13.58 -7.95 -37.35
N LEU D 183 -13.06 -7.77 -38.56
CA LEU D 183 -13.77 -8.12 -39.78
C LEU D 183 -12.90 -8.98 -40.69
N THR D 184 -13.54 -9.75 -41.57
CA THR D 184 -12.83 -10.47 -42.60
C THR D 184 -12.65 -9.52 -43.79
N PRO D 185 -11.52 -9.61 -44.51
CA PRO D 185 -11.26 -8.71 -45.64
C PRO D 185 -12.43 -8.58 -46.60
N GLU D 186 -13.21 -9.63 -46.75
CA GLU D 186 -14.38 -9.61 -47.63
C GLU D 186 -15.44 -8.64 -47.10
N GLN D 187 -15.71 -8.73 -45.80
CA GLN D 187 -16.69 -7.87 -45.17
C GLN D 187 -16.25 -6.41 -45.18
N TRP D 188 -14.95 -6.21 -45.00
CA TRP D 188 -14.38 -4.86 -44.99
C TRP D 188 -14.62 -4.14 -46.31
N LYS D 189 -14.54 -4.90 -47.41
CA LYS D 189 -14.68 -4.33 -48.74
C LYS D 189 -16.10 -4.40 -49.28
N SER D 190 -16.97 -5.18 -48.63
CA SER D 190 -18.30 -5.42 -49.15
C SER D 190 -19.24 -4.25 -48.89
N HIS D 191 -18.91 -3.44 -47.87
CA HIS D 191 -19.74 -2.30 -47.50
C HIS D 191 -19.10 -1.00 -48.01
N ARG D 192 -19.91 0.04 -48.12
CA ARG D 192 -19.44 1.33 -48.60
C ARG D 192 -18.62 2.05 -47.54
N SER D 193 -19.05 1.92 -46.28
CA SER D 193 -18.37 2.61 -45.18
C SER D 193 -18.72 2.00 -43.82
N TYR D 194 -17.80 2.16 -42.87
CA TYR D 194 -18.01 1.72 -41.49
C TYR D 194 -17.87 2.91 -40.54
N SER D 195 -18.72 2.93 -39.51
CA SER D 195 -18.76 4.05 -38.58
C SER D 195 -18.51 3.62 -37.13
N CYS D 196 -18.11 4.58 -36.31
CA CYS D 196 -17.85 4.35 -34.89
C CYS D 196 -18.50 5.45 -34.06
N GLN D 197 -19.72 5.19 -33.60
CA GLN D 197 -20.49 6.18 -32.84
C GLN D 197 -20.10 6.15 -31.37
N VAL D 198 -19.64 7.30 -30.86
CA VAL D 198 -19.25 7.43 -29.46
C VAL D 198 -20.15 8.42 -28.74
N THR D 199 -20.97 7.90 -27.81
CA THR D 199 -21.87 8.74 -27.03
C THR D 199 -21.25 9.08 -25.69
N HIS D 200 -21.38 10.33 -25.28
CA HIS D 200 -20.81 10.78 -24.01
C HIS D 200 -21.59 11.97 -23.44
N GLU D 201 -22.36 11.70 -22.39
CA GLU D 201 -23.11 12.74 -21.68
C GLU D 201 -24.08 13.48 -22.59
N GLY D 202 -24.83 12.74 -23.39
CA GLY D 202 -25.87 13.32 -24.24
C GLY D 202 -25.38 13.75 -25.61
N SER D 203 -24.07 13.76 -25.80
CA SER D 203 -23.47 14.14 -27.08
C SER D 203 -22.93 12.91 -27.79
N THR D 204 -22.99 12.93 -29.12
CA THR D 204 -22.55 11.79 -29.93
C THR D 204 -21.56 12.22 -31.01
N VAL D 205 -20.39 11.60 -31.02
CA VAL D 205 -19.39 11.82 -32.05
C VAL D 205 -19.28 10.57 -32.91
N GLU D 206 -19.22 10.76 -34.22
CA GLU D 206 -19.14 9.65 -35.17
C GLU D 206 -18.01 9.85 -36.17
N LYS D 207 -17.12 8.86 -36.25
CA LYS D 207 -16.08 8.85 -37.27
C LYS D 207 -16.37 7.75 -38.29
N THR D 208 -15.98 7.97 -39.54
CA THR D 208 -16.29 7.04 -40.62
C THR D 208 -15.07 6.78 -41.51
N VAL D 209 -14.96 5.54 -41.97
CA VAL D 209 -13.90 5.14 -42.89
C VAL D 209 -14.51 4.36 -44.06
N ALA D 210 -13.74 4.25 -45.14
CA ALA D 210 -14.20 3.56 -46.35
C ALA D 210 -13.11 2.64 -46.89
N PRO D 211 -13.52 1.60 -47.64
CA PRO D 211 -12.56 0.66 -48.24
C PRO D 211 -11.57 1.33 -49.19
N THR D 212 -12.01 2.40 -49.84
CA THR D 212 -11.19 3.09 -50.82
C THR D 212 -10.30 4.14 -50.18
N GLU D 213 -9.06 4.23 -50.63
CA GLU D 213 -8.09 5.20 -50.14
C GLU D 213 -7.90 5.07 -48.63
N SER E 1 26.72 12.46 -28.91
CA SER E 1 25.40 12.03 -28.44
C SER E 1 24.77 13.09 -27.55
N LEU E 2 23.52 13.42 -27.84
CA LEU E 2 22.75 14.40 -27.09
C LEU E 2 21.91 13.76 -26.00
N TRP E 3 22.05 12.44 -25.80
CA TRP E 3 21.15 11.72 -24.93
C TRP E 3 21.67 11.60 -23.50
N ASN E 4 22.83 12.16 -23.23
CA ASN E 4 23.28 12.32 -21.86
C ASN E 4 22.42 13.39 -21.20
N TRP E 5 21.71 13.02 -20.13
CA TRP E 5 20.87 13.97 -19.42
C TRP E 5 21.68 15.15 -18.90
N PHE E 6 22.94 14.89 -18.56
CA PHE E 6 23.82 15.92 -18.05
C PHE E 6 24.25 16.87 -19.17
N ASN E 7 24.43 16.33 -20.36
CA ASN E 7 24.76 17.17 -21.50
C ASN E 7 23.58 18.05 -21.90
N ILE E 8 22.36 17.53 -21.78
CA ILE E 8 21.17 18.30 -22.15
C ILE E 8 20.88 19.43 -21.16
N THR E 9 20.93 19.11 -19.87
CA THR E 9 20.67 20.10 -18.83
C THR E 9 21.73 21.19 -18.88
N ASN E 10 22.93 20.82 -19.31
CA ASN E 10 24.01 21.76 -19.48
C ASN E 10 23.87 22.52 -20.80
N LEU E 12 21.09 23.30 -22.13
CA LEU E 12 19.92 24.16 -21.99
C LEU E 12 20.17 25.40 -21.13
N TRP E 13 21.15 25.31 -20.24
CA TRP E 13 21.38 26.38 -19.28
C TRP E 13 22.26 27.49 -19.85
N ILE E 15 22.29 28.47 -22.77
CA ILE E 15 21.52 29.23 -23.73
C ILE E 15 20.83 30.42 -23.03
N LYS E 16 20.81 30.40 -21.71
CA LYS E 16 20.38 31.55 -20.94
C LYS E 16 21.47 32.62 -20.90
N LYS E 17 22.72 32.17 -21.00
CA LYS E 17 23.87 33.05 -20.85
C LYS E 17 24.98 32.72 -21.85
N SER F 1 -16.57 -24.58 20.61
CA SER F 1 -16.98 -25.05 21.92
C SER F 1 -15.82 -24.87 22.92
N LEU F 2 -16.07 -24.30 24.10
CA LEU F 2 -17.41 -23.93 24.58
C LEU F 2 -17.76 -22.49 24.22
N TRP F 3 -16.79 -21.78 23.65
CA TRP F 3 -16.94 -20.36 23.31
C TRP F 3 -17.14 -20.12 21.82
N ASN F 4 -18.08 -20.85 21.22
CA ASN F 4 -18.47 -20.59 19.84
C ASN F 4 -19.16 -19.24 19.73
N TRP F 5 -18.62 -18.36 18.89
CA TRP F 5 -19.22 -17.04 18.68
C TRP F 5 -20.67 -17.20 18.26
N PHE F 6 -20.94 -18.28 17.52
CA PHE F 6 -22.29 -18.57 17.05
C PHE F 6 -23.17 -19.00 18.21
N ASN F 7 -22.62 -19.76 19.14
CA ASN F 7 -23.35 -20.15 20.32
C ASN F 7 -23.61 -18.94 21.21
N ILE F 8 -22.66 -18.02 21.27
CA ILE F 8 -22.79 -16.82 22.11
C ILE F 8 -23.87 -15.90 21.56
N THR F 9 -23.86 -15.67 20.25
CA THR F 9 -24.84 -14.80 19.62
C THR F 9 -26.24 -15.36 19.83
N ASN F 10 -26.34 -16.69 19.86
CA ASN F 10 -27.60 -17.37 20.10
C ASN F 10 -27.90 -17.48 21.61
N LEU F 12 -27.02 -15.34 23.95
CA LEU F 12 -27.28 -14.00 24.46
C LEU F 12 -28.65 -13.50 24.01
N TRP F 13 -29.15 -14.05 22.92
CA TRP F 13 -30.37 -13.55 22.31
C TRP F 13 -31.61 -14.15 22.97
N ILE F 15 -32.01 -14.88 25.81
CA ILE F 15 -32.15 -14.26 27.12
C ILE F 15 -33.08 -13.04 26.99
N LYS F 16 -33.46 -12.70 25.76
CA LYS F 16 -34.51 -11.70 25.55
C LYS F 16 -35.86 -12.32 25.89
N LYS F 17 -35.99 -12.79 27.13
CA LYS F 17 -37.20 -13.48 27.58
C LYS F 17 -37.70 -14.52 26.58
#